data_6LXY
#
_entry.id   6LXY
#
_cell.length_a   135.670
_cell.length_b   140.810
_cell.length_c   86.280
_cell.angle_alpha   90.000
_cell.angle_beta   125.700
_cell.angle_gamma   90.000
#
_symmetry.space_group_name_H-M   'C 1 2 1'
#
loop_
_entity.id
_entity.type
_entity.pdbx_description
1 polymer 'Interleukin-1 receptor-associated kinase 4'
2 non-polymer N-[(2R)-2-fluoranyl-3-methyl-3-oxidanyl-butyl]-6-[(6-fluoranylpyrazolo[1,5-a]pyrimidin-5-yl)amino]-4-(propan-2-ylamino)pyridine-3-carboxamide
3 non-polymer 'SULFATE ION'
4 water water
#
_entity_poly.entity_id   1
_entity_poly.type   'polypeptide(L)'
_entity_poly.pdbx_seq_one_letter_code
;GAMGVSDTRFHSFSFYELKNVTNNFDERPISVGGNKMGEGGFGVVYKGYVNNTTVAVKKLAAMVDITTEELKQQFDQEIK
VMAKCQHENLVELLGFSSDGDDLCLVYVYMPNGSLLDRLSCLDGTPPLSWHMRCKIAQGAANGINFLHENHHIHRDIKSA
NILLDEAFTAKISDFGLARASEKFAQTVM(TPO)(SEP)RIVGTTAYMAPEALRGEITPKSDIYSFGVVLLEIITGLPAV
DEHREPQLLLDIKEEIEDEEKTIEDYIDKKMNDADSTSVEAMYSVASQCLHEKKNKRPDIKKVQQLLQEMTAS
;
_entity_poly.pdbx_strand_id   A,B,D,E
#
loop_
_chem_comp.id
_chem_comp.type
_chem_comp.name
_chem_comp.formula
EXF non-polymer N-[(2R)-2-fluoranyl-3-methyl-3-oxidanyl-butyl]-6-[(6-fluoranylpyrazolo[1,5-a]pyrimidin-5-yl)amino]-4-(propan-2-ylamino)pyridine-3-carboxamide 'C20 H25 F2 N7 O2'
SO4 non-polymer 'SULFATE ION' 'O4 S -2'
#
# COMPACT_ATOMS: atom_id res chain seq x y z
N THR A 8 -36.12 6.19 -0.74
CA THR A 8 -34.86 6.75 -1.20
C THR A 8 -33.71 6.38 -0.25
N ARG A 9 -32.49 6.19 -0.80
CA ARG A 9 -31.30 5.77 -0.03
C ARG A 9 -30.06 6.65 -0.28
N PHE A 10 -30.07 7.45 -1.37
CA PHE A 10 -28.93 8.27 -1.80
C PHE A 10 -29.21 9.75 -1.68
N HIS A 11 -28.18 10.54 -1.37
CA HIS A 11 -28.32 11.99 -1.27
C HIS A 11 -28.51 12.64 -2.65
N SER A 12 -29.50 13.52 -2.80
CA SER A 12 -29.70 14.22 -4.06
C SER A 12 -28.92 15.55 -4.01
N PHE A 13 -27.89 15.68 -4.83
CA PHE A 13 -27.07 16.89 -4.87
C PHE A 13 -27.56 17.80 -5.98
N SER A 14 -27.34 19.10 -5.81
CA SER A 14 -27.62 20.10 -6.84
C SER A 14 -26.35 20.13 -7.67
N PHE A 15 -26.44 20.40 -8.98
CA PHE A 15 -25.26 20.35 -9.83
C PHE A 15 -24.18 21.35 -9.41
N TYR A 16 -24.59 22.56 -8.99
CA TYR A 16 -23.66 23.61 -8.58
C TYR A 16 -22.77 23.16 -7.41
N GLU A 17 -23.32 22.38 -6.46
CA GLU A 17 -22.61 21.86 -5.27
C GLU A 17 -21.42 21.00 -5.68
N LEU A 18 -21.61 20.13 -6.68
CA LEU A 18 -20.59 19.25 -7.23
C LEU A 18 -19.62 20.01 -8.11
N LYS A 19 -20.08 21.12 -8.71
CA LYS A 19 -19.19 21.96 -9.50
C LYS A 19 -18.25 22.64 -8.49
N ASN A 20 -18.82 23.15 -7.37
CA ASN A 20 -18.08 23.80 -6.30
C ASN A 20 -16.98 22.86 -5.68
N VAL A 21 -17.35 21.62 -5.29
CA VAL A 21 -16.43 20.70 -4.60
C VAL A 21 -15.37 20.05 -5.50
N THR A 22 -15.53 20.08 -6.84
CA THR A 22 -14.51 19.51 -7.74
C THR A 22 -13.63 20.59 -8.37
N ASN A 23 -13.68 21.84 -7.87
CA ASN A 23 -12.93 22.99 -8.41
C ASN A 23 -13.30 23.25 -9.86
N ASN A 24 -14.62 23.35 -10.12
CA ASN A 24 -15.21 23.51 -11.47
C ASN A 24 -14.72 22.40 -12.42
N PHE A 25 -14.78 21.14 -11.94
CA PHE A 25 -14.38 19.96 -12.71
C PHE A 25 -12.99 20.14 -13.36
N ASP A 26 -12.00 20.48 -12.51
CA ASP A 26 -10.63 20.70 -12.94
C ASP A 26 -10.12 19.49 -13.71
N GLU A 27 -9.72 19.74 -14.99
CA GLU A 27 -9.30 18.71 -15.92
C GLU A 27 -7.86 18.24 -15.73
N ARG A 28 -7.06 18.96 -14.91
CA ARG A 28 -5.68 18.55 -14.64
C ARG A 28 -5.67 17.28 -13.80
N PRO A 29 -4.69 16.37 -13.97
CA PRO A 29 -4.65 15.15 -13.15
C PRO A 29 -4.45 15.43 -11.66
N ILE A 30 -4.98 14.52 -10.81
CA ILE A 30 -4.83 14.57 -9.34
C ILE A 30 -3.35 14.52 -8.92
N SER A 31 -2.51 13.82 -9.70
CA SER A 31 -1.06 13.68 -9.44
C SER A 31 -0.31 15.03 -9.52
N VAL A 32 -0.91 16.03 -10.17
CA VAL A 32 -0.33 17.36 -10.38
C VAL A 32 -1.18 18.45 -9.68
N GLY A 33 -2.10 18.02 -8.82
CA GLY A 33 -2.94 18.92 -8.03
C GLY A 33 -4.27 19.30 -8.65
N GLY A 34 -4.63 18.64 -9.74
CA GLY A 34 -5.92 18.86 -10.37
C GLY A 34 -6.98 17.96 -9.77
N ASN A 35 -8.12 17.81 -10.44
CA ASN A 35 -9.18 16.97 -9.92
C ASN A 35 -9.46 15.73 -10.75
N LYS A 36 -8.92 15.63 -11.95
CA LYS A 36 -9.18 14.51 -12.87
C LYS A 36 -8.51 13.23 -12.41
N MET A 37 -9.30 12.17 -12.32
CA MET A 37 -8.81 10.85 -11.90
C MET A 37 -8.81 9.83 -13.03
N GLY A 38 -9.73 10.00 -13.97
CA GLY A 38 -9.85 9.10 -15.10
C GLY A 38 -11.04 9.38 -15.97
N GLU A 39 -11.20 8.56 -17.01
CA GLU A 39 -12.29 8.64 -17.96
C GLU A 39 -12.56 7.31 -18.65
N GLY A 40 -13.80 7.17 -19.13
CA GLY A 40 -14.30 6.03 -19.88
C GLY A 40 -15.11 6.54 -21.07
N GLY A 41 -15.86 5.63 -21.69
CA GLY A 41 -16.71 5.98 -22.82
C GLY A 41 -17.97 6.74 -22.44
N PHE A 42 -18.35 6.74 -21.13
CA PHE A 42 -19.57 7.39 -20.68
C PHE A 42 -19.38 8.55 -19.71
N GLY A 43 -18.14 8.97 -19.49
CA GLY A 43 -17.87 10.11 -18.61
C GLY A 43 -16.46 10.20 -18.05
N VAL A 44 -16.23 11.29 -17.29
CA VAL A 44 -14.94 11.58 -16.66
C VAL A 44 -15.19 11.52 -15.15
N VAL A 45 -14.18 11.04 -14.37
CA VAL A 45 -14.23 10.95 -12.91
C VAL A 45 -13.29 11.98 -12.27
N TYR A 46 -13.85 12.75 -11.33
CA TYR A 46 -13.16 13.83 -10.62
C TYR A 46 -13.13 13.56 -9.13
N LYS A 47 -12.05 14.02 -8.47
CA LYS A 47 -11.91 13.91 -7.02
C LYS A 47 -12.58 15.15 -6.43
N GLY A 48 -13.17 14.98 -5.26
CA GLY A 48 -13.78 16.07 -4.51
C GLY A 48 -13.82 15.83 -3.01
N TYR A 49 -14.22 16.84 -2.29
CA TYR A 49 -14.41 16.81 -0.85
C TYR A 49 -15.81 17.29 -0.55
N VAL A 50 -16.64 16.43 0.07
CA VAL A 50 -18.01 16.76 0.46
C VAL A 50 -18.08 16.51 1.96
N ASN A 51 -18.29 17.59 2.75
CA ASN A 51 -18.40 17.51 4.21
C ASN A 51 -17.23 16.67 4.85
N ASN A 52 -15.97 16.93 4.44
CA ASN A 52 -14.74 16.24 4.92
C ASN A 52 -14.57 14.83 4.34
N THR A 53 -15.51 14.37 3.51
CA THR A 53 -15.47 13.03 2.85
C THR A 53 -14.86 13.19 1.46
N THR A 54 -13.86 12.35 1.14
CA THR A 54 -13.24 12.34 -0.18
C THR A 54 -14.21 11.60 -1.09
N VAL A 55 -14.54 12.20 -2.23
CA VAL A 55 -15.49 11.56 -3.15
C VAL A 55 -14.95 11.43 -4.54
N ALA A 56 -15.57 10.52 -5.31
CA ALA A 56 -15.32 10.37 -6.74
C ALA A 56 -16.62 10.84 -7.40
N VAL A 57 -16.55 11.83 -8.27
CA VAL A 57 -17.70 12.37 -8.98
C VAL A 57 -17.58 12.04 -10.46
N LYS A 58 -18.47 11.17 -10.94
CA LYS A 58 -18.51 10.80 -12.34
C LYS A 58 -19.50 11.73 -13.05
N LYS A 59 -19.01 12.62 -13.91
CA LYS A 59 -19.84 13.52 -14.73
C LYS A 59 -20.05 12.76 -16.04
N LEU A 60 -21.30 12.40 -16.33
CA LEU A 60 -21.65 11.54 -17.46
C LEU A 60 -21.44 12.10 -18.89
N ALA A 61 -21.46 13.41 -19.15
CA ALA A 61 -21.22 13.90 -20.55
C ALA A 61 -20.43 12.91 -21.49
N ALA A 62 -21.11 12.31 -22.51
CA ALA A 62 -20.61 11.29 -23.46
C ALA A 62 -19.41 11.65 -24.38
N MET A 63 -18.47 10.69 -24.51
CA MET A 63 -17.29 10.79 -25.39
C MET A 63 -17.25 9.64 -26.41
N VAL A 64 -18.30 8.81 -26.41
CA VAL A 64 -18.51 7.68 -27.33
C VAL A 64 -19.83 7.92 -28.11
N ASP A 65 -20.17 7.02 -29.07
CA ASP A 65 -21.39 7.15 -29.87
C ASP A 65 -22.66 6.72 -29.10
N ILE A 66 -23.13 7.60 -28.20
CA ILE A 66 -24.32 7.37 -27.37
C ILE A 66 -25.24 8.60 -27.33
N THR A 67 -26.56 8.36 -27.31
CA THR A 67 -27.58 9.42 -27.25
C THR A 67 -27.82 9.87 -25.80
N THR A 68 -28.43 11.07 -25.62
CA THR A 68 -28.76 11.65 -24.32
C THR A 68 -29.73 10.75 -23.53
N GLU A 69 -30.71 10.15 -24.22
CA GLU A 69 -31.69 9.23 -23.60
C GLU A 69 -31.05 7.90 -23.18
N GLU A 70 -29.99 7.46 -23.91
CA GLU A 70 -29.27 6.23 -23.55
C GLU A 70 -28.44 6.48 -22.31
N LEU A 71 -27.82 7.70 -22.20
CA LEU A 71 -27.03 8.13 -21.04
C LEU A 71 -27.93 8.14 -19.80
N LYS A 72 -29.16 8.71 -19.96
CA LYS A 72 -30.17 8.79 -18.89
C LYS A 72 -30.58 7.39 -18.42
N GLN A 73 -30.73 6.43 -19.35
CA GLN A 73 -31.07 5.03 -19.04
C GLN A 73 -29.96 4.35 -18.23
N GLN A 74 -28.69 4.63 -18.54
CA GLN A 74 -27.53 4.07 -17.83
C GLN A 74 -27.38 4.69 -16.42
N PHE A 75 -27.70 5.99 -16.31
CA PHE A 75 -27.71 6.73 -15.05
C PHE A 75 -28.77 6.10 -14.12
N ASP A 76 -30.02 5.91 -14.63
CA ASP A 76 -31.14 5.30 -13.91
C ASP A 76 -30.83 3.86 -13.52
N GLN A 77 -30.21 3.10 -14.43
CA GLN A 77 -29.86 1.71 -14.20
C GLN A 77 -28.84 1.57 -13.04
N GLU A 78 -27.81 2.44 -13.03
CA GLU A 78 -26.78 2.47 -12.00
C GLU A 78 -27.42 2.70 -10.62
N ILE A 79 -28.33 3.70 -10.52
CA ILE A 79 -29.04 4.01 -9.27
C ILE A 79 -29.88 2.82 -8.78
N LYS A 80 -30.62 2.16 -9.71
CA LYS A 80 -31.45 0.99 -9.40
C LYS A 80 -30.63 -0.17 -8.86
N VAL A 81 -29.51 -0.50 -9.52
CA VAL A 81 -28.64 -1.61 -9.12
C VAL A 81 -27.98 -1.31 -7.76
N MET A 82 -27.55 -0.04 -7.57
CA MET A 82 -26.89 0.38 -6.33
C MET A 82 -27.82 0.37 -5.15
N ALA A 83 -29.11 0.71 -5.37
CA ALA A 83 -30.13 0.67 -4.33
C ALA A 83 -30.40 -0.79 -3.89
N LYS A 84 -30.30 -1.76 -4.83
CA LYS A 84 -30.54 -3.17 -4.51
C LYS A 84 -29.31 -3.94 -4.01
N CYS A 85 -28.11 -3.61 -4.53
CA CYS A 85 -26.90 -4.35 -4.19
C CYS A 85 -25.88 -3.56 -3.35
N GLN A 86 -25.62 -4.03 -2.12
CA GLN A 86 -24.60 -3.51 -1.20
C GLN A 86 -23.77 -4.71 -0.77
N HIS A 87 -22.46 -4.61 -0.95
CA HIS A 87 -21.52 -5.68 -0.63
C HIS A 87 -20.15 -5.05 -0.52
N GLU A 88 -19.27 -5.63 0.33
CA GLU A 88 -17.88 -5.16 0.52
C GLU A 88 -17.05 -5.19 -0.78
N ASN A 89 -17.47 -6.00 -1.79
CA ASN A 89 -16.76 -6.08 -3.04
C ASN A 89 -17.45 -5.35 -4.21
N LEU A 90 -18.31 -4.39 -3.86
CA LEU A 90 -19.02 -3.54 -4.81
C LEU A 90 -18.79 -2.08 -4.38
N VAL A 91 -18.61 -1.15 -5.32
CA VAL A 91 -18.46 0.28 -4.93
C VAL A 91 -19.76 0.76 -4.25
N GLU A 92 -19.69 1.82 -3.45
CA GLU A 92 -20.87 2.36 -2.78
C GLU A 92 -21.25 3.71 -3.37
N LEU A 93 -22.48 3.84 -3.80
CA LEU A 93 -23.00 5.09 -4.34
C LEU A 93 -23.44 5.98 -3.16
N LEU A 94 -22.96 7.23 -3.09
CA LEU A 94 -23.33 8.14 -2.02
C LEU A 94 -24.51 9.02 -2.43
N GLY A 95 -24.53 9.39 -3.69
CA GLY A 95 -25.58 10.24 -4.21
C GLY A 95 -25.44 10.48 -5.68
N PHE A 96 -26.22 11.44 -6.17
CA PHE A 96 -26.29 11.78 -7.58
C PHE A 96 -26.82 13.21 -7.76
N SER A 97 -26.59 13.76 -8.94
CA SER A 97 -27.12 15.04 -9.40
C SER A 97 -27.83 14.75 -10.73
N SER A 98 -29.05 15.30 -10.94
CA SER A 98 -29.81 15.12 -12.19
C SER A 98 -30.44 16.44 -12.70
N ASP A 99 -30.26 17.57 -11.99
CA ASP A 99 -30.77 18.88 -12.39
C ASP A 99 -30.06 19.37 -13.66
N GLY A 100 -30.86 19.75 -14.65
CA GLY A 100 -30.39 20.22 -15.96
C GLY A 100 -30.03 19.11 -16.93
N ASP A 101 -29.19 19.44 -17.93
CA ASP A 101 -28.75 18.49 -18.96
C ASP A 101 -27.52 17.65 -18.51
N ASP A 102 -27.04 17.86 -17.28
CA ASP A 102 -25.89 17.17 -16.71
C ASP A 102 -26.29 16.07 -15.72
N LEU A 103 -25.57 14.97 -15.72
CA LEU A 103 -25.86 13.84 -14.83
C LEU A 103 -24.56 13.46 -14.12
N CYS A 104 -24.59 13.41 -12.78
CA CYS A 104 -23.44 13.10 -11.94
C CYS A 104 -23.76 11.99 -10.95
N LEU A 105 -22.82 11.07 -10.76
CA LEU A 105 -22.95 10.01 -9.77
C LEU A 105 -21.81 10.23 -8.80
N VAL A 106 -22.10 10.18 -7.49
CA VAL A 106 -21.14 10.47 -6.44
C VAL A 106 -20.82 9.21 -5.65
N TYR A 107 -19.53 8.88 -5.50
CA TYR A 107 -19.12 7.66 -4.81
C TYR A 107 -18.06 7.96 -3.76
N VAL A 108 -17.83 6.97 -2.89
CA VAL A 108 -16.73 6.98 -1.93
C VAL A 108 -15.45 6.88 -2.80
N TYR A 109 -14.47 7.74 -2.53
CA TYR A 109 -13.21 7.75 -3.25
C TYR A 109 -12.42 6.46 -2.93
N MET A 110 -11.73 5.89 -3.95
CA MET A 110 -10.94 4.65 -3.89
C MET A 110 -9.43 4.97 -3.88
N PRO A 111 -8.80 4.87 -2.68
CA PRO A 111 -7.38 5.24 -2.54
C PRO A 111 -6.38 4.55 -3.50
N ASN A 112 -6.71 3.38 -4.06
CA ASN A 112 -5.76 2.82 -5.02
C ASN A 112 -6.33 2.77 -6.45
N GLY A 113 -7.37 3.56 -6.72
CA GLY A 113 -7.93 3.68 -8.07
C GLY A 113 -8.32 2.36 -8.71
N SER A 114 -8.01 2.16 -9.99
CA SER A 114 -8.40 0.93 -10.67
C SER A 114 -7.29 -0.10 -10.73
N LEU A 115 -7.68 -1.37 -10.89
CA LEU A 115 -6.76 -2.49 -11.05
C LEU A 115 -5.96 -2.30 -12.35
N LEU A 116 -6.60 -1.76 -13.41
CA LEU A 116 -5.93 -1.51 -14.70
C LEU A 116 -4.72 -0.60 -14.49
N ASP A 117 -4.96 0.54 -13.85
CA ASP A 117 -3.92 1.52 -13.54
C ASP A 117 -2.85 0.94 -12.59
N ARG A 118 -3.24 0.08 -11.62
CA ARG A 118 -2.23 -0.49 -10.69
C ARG A 118 -1.37 -1.55 -11.37
N LEU A 119 -1.93 -2.31 -12.32
CA LEU A 119 -1.15 -3.31 -13.09
C LEU A 119 -0.16 -2.62 -14.03
N SER A 120 -0.51 -1.41 -14.51
CA SER A 120 0.39 -0.68 -15.37
C SER A 120 1.30 0.30 -14.57
N CYS A 121 1.19 0.35 -13.20
CA CYS A 121 1.95 1.24 -12.29
C CYS A 121 1.78 2.71 -12.66
N LEU A 122 0.58 3.08 -13.15
CA LEU A 122 0.30 4.46 -13.55
C LEU A 122 0.54 5.39 -12.35
N ASP A 123 1.19 6.54 -12.60
CA ASP A 123 1.47 7.58 -11.60
C ASP A 123 2.50 7.17 -10.56
N GLY A 124 3.31 6.17 -10.89
CA GLY A 124 4.43 5.72 -10.08
C GLY A 124 4.12 4.83 -8.91
N THR A 125 2.92 4.22 -8.87
CA THR A 125 2.57 3.30 -7.79
C THR A 125 3.44 2.03 -7.91
N PRO A 126 3.83 1.37 -6.81
CA PRO A 126 4.70 0.19 -6.95
C PRO A 126 3.99 -1.02 -7.57
N PRO A 127 4.69 -1.97 -8.22
CA PRO A 127 3.99 -3.16 -8.77
C PRO A 127 3.27 -3.97 -7.70
N LEU A 128 2.14 -4.58 -8.04
CA LEU A 128 1.37 -5.39 -7.10
C LEU A 128 2.07 -6.72 -6.96
N SER A 129 2.24 -7.19 -5.73
CA SER A 129 2.88 -8.49 -5.50
C SER A 129 1.91 -9.58 -5.93
N TRP A 130 2.40 -10.80 -6.11
CA TRP A 130 1.54 -11.94 -6.46
C TRP A 130 0.49 -12.19 -5.38
N HIS A 131 0.88 -12.03 -4.10
CA HIS A 131 0.01 -12.21 -2.96
C HIS A 131 -1.18 -11.24 -3.02
N MET A 132 -0.92 -9.95 -3.34
CA MET A 132 -1.99 -8.94 -3.49
C MET A 132 -2.87 -9.26 -4.70
N ARG A 133 -2.29 -9.75 -5.79
CA ARG A 133 -3.01 -10.10 -7.02
C ARG A 133 -4.02 -11.23 -6.77
N CYS A 134 -3.62 -12.23 -5.92
CA CYS A 134 -4.50 -13.34 -5.53
C CYS A 134 -5.68 -12.88 -4.70
N LYS A 135 -5.45 -11.96 -3.76
CA LYS A 135 -6.51 -11.41 -2.91
C LYS A 135 -7.48 -10.59 -3.74
N ILE A 136 -6.96 -9.81 -4.72
CA ILE A 136 -7.79 -8.99 -5.59
C ILE A 136 -8.69 -9.87 -6.46
N ALA A 137 -8.12 -10.94 -7.02
CA ALA A 137 -8.86 -11.89 -7.87
C ALA A 137 -9.99 -12.50 -7.05
N GLN A 138 -9.71 -12.93 -5.81
CA GLN A 138 -10.75 -13.49 -4.90
C GLN A 138 -11.85 -12.45 -4.58
N GLY A 139 -11.45 -11.21 -4.28
CA GLY A 139 -12.41 -10.16 -3.98
C GLY A 139 -13.34 -9.88 -5.14
N ALA A 140 -12.79 -9.79 -6.35
CA ALA A 140 -13.53 -9.53 -7.60
C ALA A 140 -14.54 -10.65 -7.88
N ALA A 141 -14.13 -11.93 -7.72
CA ALA A 141 -15.04 -13.09 -7.89
C ALA A 141 -16.19 -13.01 -6.86
N ASN A 142 -15.91 -12.62 -5.58
CA ASN A 142 -16.96 -12.46 -4.53
C ASN A 142 -17.98 -11.38 -4.90
N GLY A 143 -17.49 -10.31 -5.51
CA GLY A 143 -18.35 -9.23 -6.00
C GLY A 143 -19.28 -9.71 -7.10
N ILE A 144 -18.72 -10.41 -8.12
CA ILE A 144 -19.47 -10.96 -9.24
C ILE A 144 -20.47 -12.01 -8.71
N ASN A 145 -20.02 -12.89 -7.79
CA ASN A 145 -20.89 -13.88 -7.20
C ASN A 145 -22.11 -13.25 -6.53
N PHE A 146 -21.91 -12.16 -5.75
CA PHE A 146 -23.03 -11.44 -5.11
C PHE A 146 -24.00 -10.91 -6.15
N LEU A 147 -23.48 -10.28 -7.24
CA LEU A 147 -24.31 -9.74 -8.32
C LEU A 147 -25.16 -10.80 -8.98
N HIS A 148 -24.56 -11.98 -9.29
CA HIS A 148 -25.22 -13.10 -9.95
C HIS A 148 -26.29 -13.72 -9.04
N GLU A 149 -25.99 -13.84 -7.71
CA GLU A 149 -26.92 -14.35 -6.70
C GLU A 149 -28.13 -13.45 -6.60
N ASN A 150 -27.97 -12.15 -6.89
CA ASN A 150 -29.04 -11.16 -6.87
C ASN A 150 -29.58 -10.91 -8.26
N HIS A 151 -29.37 -11.90 -9.17
CA HIS A 151 -29.91 -11.96 -10.53
C HIS A 151 -29.55 -10.75 -11.40
N HIS A 152 -28.30 -10.28 -11.31
CA HIS A 152 -27.81 -9.19 -12.15
C HIS A 152 -26.61 -9.64 -12.98
N ILE A 153 -26.57 -9.20 -14.23
CA ILE A 153 -25.45 -9.44 -15.16
C ILE A 153 -24.78 -8.08 -15.31
N HIS A 154 -23.45 -8.04 -15.06
CA HIS A 154 -22.70 -6.80 -15.11
C HIS A 154 -22.60 -6.24 -16.54
N ARG A 155 -22.10 -7.08 -17.49
CA ARG A 155 -21.93 -6.78 -18.93
C ARG A 155 -20.72 -5.90 -19.29
N ASP A 156 -19.92 -5.48 -18.31
CA ASP A 156 -18.74 -4.66 -18.58
C ASP A 156 -17.60 -4.98 -17.60
N ILE A 157 -17.46 -6.26 -17.21
CA ILE A 157 -16.37 -6.57 -16.32
C ILE A 157 -15.05 -6.47 -17.11
N LYS A 158 -14.14 -5.68 -16.56
CA LYS A 158 -12.80 -5.37 -17.05
C LYS A 158 -12.00 -4.79 -15.88
N SER A 159 -10.67 -4.89 -15.93
CA SER A 159 -9.79 -4.37 -14.88
C SER A 159 -10.00 -2.87 -14.60
N ALA A 160 -10.36 -2.06 -15.61
CA ALA A 160 -10.67 -0.64 -15.36
C ALA A 160 -11.90 -0.46 -14.46
N ASN A 161 -12.79 -1.48 -14.40
CA ASN A 161 -14.02 -1.47 -13.59
C ASN A 161 -13.86 -2.20 -12.25
N ILE A 162 -12.64 -2.65 -11.94
CA ILE A 162 -12.35 -3.24 -10.64
C ILE A 162 -11.50 -2.20 -9.91
N LEU A 163 -12.10 -1.57 -8.92
CA LEU A 163 -11.45 -0.53 -8.13
C LEU A 163 -10.85 -1.11 -6.87
N LEU A 164 -9.90 -0.39 -6.26
CA LEU A 164 -9.17 -0.85 -5.07
C LEU A 164 -9.13 0.20 -3.94
N ASP A 165 -9.62 -0.17 -2.74
CA ASP A 165 -9.58 0.73 -1.59
C ASP A 165 -8.16 0.72 -0.96
N GLU A 166 -7.94 1.47 0.15
CA GLU A 166 -6.65 1.60 0.87
C GLU A 166 -5.95 0.24 1.14
N ALA A 167 -6.73 -0.84 1.39
CA ALA A 167 -6.27 -2.19 1.68
C ALA A 167 -6.21 -3.12 0.45
N PHE A 168 -6.44 -2.57 -0.79
CA PHE A 168 -6.48 -3.34 -2.05
C PHE A 168 -7.63 -4.35 -2.11
N THR A 169 -8.72 -3.99 -1.43
CA THR A 169 -9.97 -4.74 -1.43
C THR A 169 -10.59 -4.39 -2.78
N ALA A 170 -10.84 -5.40 -3.64
CA ALA A 170 -11.43 -5.26 -4.96
C ALA A 170 -12.89 -4.78 -4.84
N LYS A 171 -13.29 -3.80 -5.62
CA LYS A 171 -14.65 -3.28 -5.63
C LYS A 171 -15.13 -3.09 -7.07
N ILE A 172 -16.10 -3.92 -7.49
CA ILE A 172 -16.71 -3.85 -8.84
C ILE A 172 -17.45 -2.51 -9.00
N SER A 173 -17.26 -1.85 -10.13
CA SER A 173 -17.93 -0.57 -10.42
C SER A 173 -18.58 -0.59 -11.80
N ASP A 174 -19.28 0.51 -12.14
CA ASP A 174 -19.92 0.80 -13.41
C ASP A 174 -21.03 -0.20 -13.74
N PHE A 175 -22.24 0.08 -13.22
CA PHE A 175 -23.41 -0.77 -13.37
C PHE A 175 -24.45 -0.21 -14.37
N GLY A 176 -24.05 0.81 -15.16
CA GLY A 176 -24.89 1.46 -16.15
C GLY A 176 -25.47 0.54 -17.21
N LEU A 177 -24.74 -0.54 -17.55
CA LEU A 177 -25.14 -1.54 -18.54
C LEU A 177 -25.64 -2.84 -17.88
N ALA A 178 -25.75 -2.88 -16.54
CA ALA A 178 -26.20 -4.10 -15.85
C ALA A 178 -27.64 -4.46 -16.20
N ARG A 179 -27.92 -5.78 -16.31
CA ARG A 179 -29.25 -6.29 -16.64
C ARG A 179 -29.74 -7.25 -15.59
N ALA A 180 -30.96 -7.03 -15.10
CA ALA A 180 -31.61 -7.90 -14.11
C ALA A 180 -32.32 -9.02 -14.85
N SER A 181 -32.12 -10.27 -14.42
CA SER A 181 -32.72 -11.42 -15.08
C SER A 181 -33.37 -12.37 -14.08
N GLU A 182 -34.72 -12.43 -14.09
CA GLU A 182 -35.47 -13.30 -13.19
C GLU A 182 -35.30 -14.79 -13.60
N LYS A 183 -35.52 -15.10 -14.90
CA LYS A 183 -35.41 -16.45 -15.48
C LYS A 183 -34.00 -17.06 -15.40
N GLN A 186 -31.07 -18.55 -19.48
CA GLN A 186 -31.76 -17.27 -19.53
C GLN A 186 -31.22 -16.33 -20.64
N THR A 187 -30.56 -16.90 -21.68
CA THR A 187 -29.98 -16.13 -22.79
C THR A 187 -31.02 -15.29 -23.51
N VAL A 188 -30.73 -13.98 -23.69
CA VAL A 188 -31.59 -13.01 -24.39
C VAL A 188 -30.77 -12.21 -25.44
N MET A 189 -31.43 -11.40 -26.30
CA MET A 189 -30.73 -10.66 -27.35
C MET A 189 -30.92 -9.15 -27.29
N TPO A 190 -29.96 -8.38 -27.83
CA TPO A 190 -30.02 -6.93 -27.90
CB TPO A 190 -29.27 -6.18 -26.74
CG2 TPO A 190 -27.73 -6.38 -26.72
OG1 TPO A 190 -29.51 -4.72 -26.82
P TPO A 190 -30.73 -4.08 -26.09
O1P TPO A 190 -31.74 -3.63 -27.15
O2P TPO A 190 -31.43 -5.02 -25.07
O3P TPO A 190 -30.27 -2.80 -25.41
C TPO A 190 -29.60 -6.42 -29.28
O TPO A 190 -28.84 -7.10 -29.97
N SEP A 191 -30.08 -5.23 -29.66
CA SEP A 191 -29.76 -4.59 -30.93
CB SEP A 191 -31.03 -4.01 -31.57
OG SEP A 191 -31.47 -2.85 -30.83
C SEP A 191 -28.64 -3.56 -30.75
O SEP A 191 -27.99 -3.19 -31.73
P SEP A 191 -32.98 -2.55 -30.93
O1P SEP A 191 -33.29 -1.36 -30.01
O2P SEP A 191 -33.37 -2.16 -32.36
O3P SEP A 191 -33.81 -3.78 -30.40
N ARG A 192 -28.41 -3.10 -29.49
CA ARG A 192 -27.36 -2.15 -29.15
C ARG A 192 -26.23 -2.88 -28.40
N ILE A 193 -25.17 -3.27 -29.14
CA ILE A 193 -24.01 -3.97 -28.58
C ILE A 193 -23.12 -2.96 -27.83
N VAL A 194 -22.99 -3.17 -26.52
CA VAL A 194 -22.21 -2.34 -25.59
C VAL A 194 -21.22 -3.18 -24.81
N GLY A 195 -20.08 -2.56 -24.49
CA GLY A 195 -18.99 -3.18 -23.76
C GLY A 195 -17.63 -2.89 -24.36
N THR A 196 -16.57 -3.51 -23.79
CA THR A 196 -15.18 -3.36 -24.22
C THR A 196 -14.79 -4.63 -24.93
N THR A 197 -14.57 -4.51 -26.26
CA THR A 197 -14.36 -5.62 -27.21
C THR A 197 -13.25 -6.57 -26.76
N ALA A 198 -12.13 -6.04 -26.26
CA ALA A 198 -11.01 -6.87 -25.80
C ALA A 198 -11.36 -7.84 -24.67
N TYR A 199 -12.44 -7.58 -23.93
CA TYR A 199 -12.88 -8.42 -22.79
C TYR A 199 -14.13 -9.23 -23.08
N MET A 200 -14.89 -8.82 -24.11
CA MET A 200 -16.17 -9.43 -24.43
C MET A 200 -16.10 -10.85 -24.95
N ALA A 201 -17.00 -11.69 -24.44
CA ALA A 201 -17.19 -13.09 -24.87
C ALA A 201 -17.68 -13.07 -26.33
N PRO A 202 -17.40 -14.14 -27.13
CA PRO A 202 -17.86 -14.12 -28.54
C PRO A 202 -19.36 -13.84 -28.70
N GLU A 203 -20.22 -14.47 -27.87
CA GLU A 203 -21.67 -14.28 -27.92
C GLU A 203 -22.12 -12.85 -27.57
N ALA A 204 -21.40 -12.19 -26.65
CA ALA A 204 -21.71 -10.82 -26.24
C ALA A 204 -21.41 -9.87 -27.39
N LEU A 205 -20.36 -10.19 -28.18
CA LEU A 205 -19.98 -9.41 -29.36
C LEU A 205 -21.05 -9.51 -30.45
N ARG A 206 -21.87 -10.59 -30.41
CA ARG A 206 -22.96 -10.81 -31.38
C ARG A 206 -24.21 -10.04 -30.89
N GLY A 207 -24.42 -10.00 -29.57
CA GLY A 207 -25.57 -9.34 -28.97
C GLY A 207 -26.31 -10.15 -27.93
N GLU A 208 -25.81 -11.37 -27.61
CA GLU A 208 -26.43 -12.21 -26.57
C GLU A 208 -26.11 -11.63 -25.19
N ILE A 209 -27.06 -11.77 -24.26
CA ILE A 209 -26.97 -11.29 -22.87
C ILE A 209 -27.11 -12.52 -21.97
N THR A 210 -26.01 -12.89 -21.28
CA THR A 210 -25.99 -14.07 -20.40
C THR A 210 -25.00 -13.91 -19.25
N PRO A 211 -25.24 -14.46 -18.04
CA PRO A 211 -24.23 -14.34 -16.96
C PRO A 211 -22.92 -15.05 -17.29
N LYS A 212 -22.93 -15.95 -18.29
CA LYS A 212 -21.74 -16.67 -18.72
C LYS A 212 -20.75 -15.74 -19.40
N SER A 213 -21.23 -14.61 -19.96
CA SER A 213 -20.37 -13.61 -20.61
C SER A 213 -19.48 -12.93 -19.55
N ASP A 214 -20.02 -12.70 -18.32
CA ASP A 214 -19.32 -12.09 -17.18
C ASP A 214 -18.15 -13.00 -16.76
N ILE A 215 -18.35 -14.34 -16.84
CA ILE A 215 -17.33 -15.35 -16.54
C ILE A 215 -16.17 -15.26 -17.54
N TYR A 216 -16.50 -15.09 -18.83
CA TYR A 216 -15.50 -14.99 -19.90
C TYR A 216 -14.64 -13.74 -19.67
N SER A 217 -15.29 -12.60 -19.41
CA SER A 217 -14.64 -11.33 -19.15
C SER A 217 -13.71 -11.42 -17.91
N PHE A 218 -14.14 -12.16 -16.87
CA PHE A 218 -13.33 -12.33 -15.68
C PHE A 218 -12.08 -13.16 -15.99
N GLY A 219 -12.20 -14.12 -16.90
CA GLY A 219 -11.08 -14.92 -17.38
C GLY A 219 -10.04 -14.03 -18.02
N VAL A 220 -10.48 -13.00 -18.81
CA VAL A 220 -9.55 -12.05 -19.42
C VAL A 220 -8.80 -11.27 -18.33
N VAL A 221 -9.53 -10.81 -17.29
CA VAL A 221 -8.99 -10.09 -16.12
C VAL A 221 -7.93 -10.94 -15.42
N LEU A 222 -8.19 -12.24 -15.24
CA LEU A 222 -7.20 -13.15 -14.64
C LEU A 222 -5.91 -13.22 -15.45
N LEU A 223 -6.01 -13.13 -16.80
CA LEU A 223 -4.82 -13.10 -17.65
C LEU A 223 -4.05 -11.77 -17.49
N GLU A 224 -4.77 -10.64 -17.29
CA GLU A 224 -4.12 -9.33 -17.09
C GLU A 224 -3.40 -9.34 -15.75
N ILE A 225 -3.95 -10.04 -14.75
CA ILE A 225 -3.38 -10.16 -13.40
C ILE A 225 -2.09 -10.98 -13.45
N ILE A 226 -2.07 -12.12 -14.18
CA ILE A 226 -0.88 -12.99 -14.29
C ILE A 226 0.26 -12.32 -15.06
N THR A 227 -0.05 -11.70 -16.19
CA THR A 227 0.89 -11.09 -17.11
C THR A 227 1.23 -9.62 -16.88
N GLY A 228 0.35 -8.87 -16.25
CA GLY A 228 0.55 -7.44 -16.11
C GLY A 228 0.33 -6.70 -17.43
N LEU A 229 -0.16 -7.43 -18.46
CA LEU A 229 -0.41 -6.86 -19.79
C LEU A 229 -1.86 -6.41 -19.96
N PRO A 230 -2.15 -5.23 -20.55
CA PRO A 230 -3.56 -4.85 -20.78
C PRO A 230 -4.20 -5.79 -21.81
N ALA A 231 -5.53 -6.00 -21.74
CA ALA A 231 -6.29 -6.91 -22.64
C ALA A 231 -6.10 -6.59 -24.14
N VAL A 232 -5.92 -5.30 -24.46
CA VAL A 232 -5.66 -4.83 -25.80
C VAL A 232 -4.52 -3.80 -25.78
N ASP A 233 -3.62 -3.91 -26.75
CA ASP A 233 -2.53 -2.96 -26.97
C ASP A 233 -2.28 -2.90 -28.48
N GLU A 234 -2.66 -1.77 -29.10
CA GLU A 234 -2.52 -1.57 -30.55
C GLU A 234 -1.07 -1.70 -31.04
N HIS A 235 -0.10 -1.37 -30.17
CA HIS A 235 1.33 -1.43 -30.47
C HIS A 235 2.04 -2.67 -29.89
N ARG A 236 1.33 -3.80 -29.84
CA ARG A 236 1.87 -5.06 -29.31
C ARG A 236 1.55 -6.26 -30.20
N GLU A 237 2.40 -7.28 -30.16
CA GLU A 237 2.20 -8.51 -30.92
C GLU A 237 2.17 -9.67 -29.92
N PRO A 238 1.00 -10.31 -29.70
CA PRO A 238 -0.32 -10.05 -30.31
C PRO A 238 -1.02 -8.87 -29.64
N GLN A 239 -1.82 -8.12 -30.42
CA GLN A 239 -2.57 -6.97 -29.91
C GLN A 239 -3.58 -7.34 -28.81
N LEU A 240 -4.17 -8.55 -28.90
CA LEU A 240 -5.17 -9.10 -28.00
C LEU A 240 -4.59 -10.14 -27.08
N LEU A 241 -4.78 -9.93 -25.76
CA LEU A 241 -4.29 -10.82 -24.73
C LEU A 241 -4.84 -12.24 -24.82
N LEU A 242 -6.12 -12.41 -25.18
CA LEU A 242 -6.69 -13.76 -25.25
C LEU A 242 -6.02 -14.61 -26.35
N ASP A 243 -5.27 -14.00 -27.29
CA ASP A 243 -4.48 -14.75 -28.28
C ASP A 243 -3.35 -15.58 -27.61
N ILE A 244 -2.83 -15.14 -26.42
CA ILE A 244 -1.77 -15.86 -25.71
C ILE A 244 -2.27 -17.22 -25.24
N LYS A 245 -3.59 -17.36 -24.97
CA LYS A 245 -4.21 -18.63 -24.57
C LYS A 245 -4.07 -19.65 -25.71
N GLU A 246 -4.20 -19.18 -26.98
CA GLU A 246 -4.06 -20.00 -28.18
C GLU A 246 -2.61 -20.44 -28.32
N GLU A 247 -1.64 -19.49 -28.21
CA GLU A 247 -0.19 -19.76 -28.26
C GLU A 247 0.24 -20.77 -27.18
N ILE A 248 -0.35 -20.68 -25.97
CA ILE A 248 -0.05 -21.60 -24.86
C ILE A 248 -0.69 -22.97 -25.13
N GLU A 249 -1.96 -23.00 -25.58
CA GLU A 249 -2.70 -24.23 -25.91
C GLU A 249 -2.05 -25.00 -27.06
N ASP A 250 -1.53 -24.28 -28.08
CA ASP A 250 -0.84 -24.85 -29.23
C ASP A 250 0.61 -25.28 -28.90
N GLU A 251 1.00 -25.21 -27.59
CA GLU A 251 2.32 -25.54 -27.04
C GLU A 251 3.48 -24.71 -27.64
N GLU A 252 3.15 -23.62 -28.36
CA GLU A 252 4.13 -22.69 -28.96
C GLU A 252 4.82 -21.84 -27.87
N LYS A 253 4.18 -21.72 -26.68
CA LYS A 253 4.65 -20.99 -25.49
C LYS A 253 4.08 -21.62 -24.21
N THR A 254 4.53 -21.16 -23.02
CA THR A 254 4.02 -21.61 -21.71
C THR A 254 3.57 -20.38 -20.89
N ILE A 255 2.76 -20.57 -19.82
CA ILE A 255 2.29 -19.46 -19.01
C ILE A 255 3.50 -18.78 -18.29
N GLU A 256 4.55 -19.58 -17.94
CA GLU A 256 5.80 -19.10 -17.31
C GLU A 256 6.50 -18.04 -18.17
N ASP A 257 6.40 -18.14 -19.50
CA ASP A 257 6.98 -17.18 -20.44
C ASP A 257 6.23 -15.84 -20.45
N TYR A 258 5.01 -15.79 -19.87
CA TYR A 258 4.20 -14.58 -19.86
C TYR A 258 3.98 -13.97 -18.48
N ILE A 259 4.42 -14.65 -17.38
CA ILE A 259 4.29 -14.14 -16.01
C ILE A 259 4.88 -12.73 -15.92
N ASP A 260 4.17 -11.81 -15.26
CA ASP A 260 4.64 -10.44 -15.08
C ASP A 260 6.04 -10.49 -14.40
N LYS A 261 7.04 -9.84 -15.03
CA LYS A 261 8.43 -9.77 -14.53
C LYS A 261 8.55 -8.75 -13.39
N LYS A 262 7.51 -7.88 -13.22
CA LYS A 262 7.43 -6.87 -12.17
C LYS A 262 7.04 -7.45 -10.81
N MET A 263 7.17 -8.77 -10.61
CA MET A 263 6.92 -9.36 -9.30
C MET A 263 8.01 -10.39 -8.98
N ASN A 264 8.26 -10.61 -7.67
CA ASN A 264 9.31 -11.52 -7.22
C ASN A 264 8.78 -12.68 -6.37
N ASP A 265 7.47 -12.68 -6.06
CA ASP A 265 6.82 -13.67 -5.18
C ASP A 265 5.89 -14.64 -5.89
N ALA A 266 5.94 -14.69 -7.22
CA ALA A 266 5.10 -15.61 -7.96
C ALA A 266 5.71 -17.00 -7.93
N ASP A 267 4.89 -18.02 -7.66
CA ASP A 267 5.34 -19.40 -7.69
C ASP A 267 4.56 -20.12 -8.78
N SER A 268 5.23 -21.02 -9.50
CA SER A 268 4.66 -21.77 -10.63
C SER A 268 3.36 -22.51 -10.29
N THR A 269 3.26 -23.12 -9.09
CA THR A 269 2.08 -23.86 -8.64
C THR A 269 0.82 -22.98 -8.61
N SER A 270 0.85 -21.86 -7.86
CA SER A 270 -0.31 -20.97 -7.76
C SER A 270 -0.58 -20.23 -9.06
N VAL A 271 0.49 -19.88 -9.84
CA VAL A 271 0.33 -19.22 -11.14
C VAL A 271 -0.40 -20.17 -12.12
N GLU A 272 0.03 -21.45 -12.19
CA GLU A 272 -0.60 -22.45 -13.05
C GLU A 272 -2.05 -22.68 -12.64
N ALA A 273 -2.33 -22.66 -11.32
CA ALA A 273 -3.69 -22.81 -10.77
C ALA A 273 -4.57 -21.63 -11.19
N MET A 274 -4.05 -20.38 -11.15
CA MET A 274 -4.84 -19.23 -11.60
C MET A 274 -5.05 -19.31 -13.12
N TYR A 275 -4.02 -19.72 -13.89
CA TYR A 275 -4.12 -19.87 -15.35
C TYR A 275 -5.18 -20.92 -15.73
N SER A 276 -5.27 -22.02 -14.96
CA SER A 276 -6.26 -23.09 -15.16
C SER A 276 -7.69 -22.52 -15.00
N VAL A 277 -7.91 -21.66 -13.99
CA VAL A 277 -9.21 -20.99 -13.76
C VAL A 277 -9.50 -20.12 -14.97
N ALA A 278 -8.53 -19.28 -15.40
CA ALA A 278 -8.68 -18.41 -16.56
C ALA A 278 -9.01 -19.16 -17.85
N SER A 279 -8.28 -20.28 -18.14
CA SER A 279 -8.54 -21.06 -19.36
C SER A 279 -9.97 -21.66 -19.36
N GLN A 280 -10.43 -22.18 -18.21
CA GLN A 280 -11.79 -22.69 -18.01
C GLN A 280 -12.84 -21.58 -18.25
N CYS A 281 -12.55 -20.35 -17.76
CA CYS A 281 -13.41 -19.18 -17.95
C CYS A 281 -13.48 -18.80 -19.41
N LEU A 282 -12.39 -19.07 -20.15
CA LEU A 282 -12.27 -18.65 -21.54
C LEU A 282 -12.71 -19.67 -22.59
N HIS A 283 -13.42 -20.75 -22.20
CA HIS A 283 -13.99 -21.70 -23.17
C HIS A 283 -14.85 -20.92 -24.14
N GLU A 284 -14.66 -21.21 -25.43
CA GLU A 284 -15.39 -20.62 -26.56
C GLU A 284 -16.89 -20.88 -26.42
N LYS A 285 -17.25 -22.13 -26.01
CA LYS A 285 -18.62 -22.58 -25.79
C LYS A 285 -19.06 -22.22 -24.38
N LYS A 286 -19.98 -21.24 -24.27
CA LYS A 286 -20.54 -20.67 -23.04
C LYS A 286 -20.93 -21.70 -21.99
N ASN A 287 -21.50 -22.82 -22.38
CA ASN A 287 -21.95 -23.87 -21.46
C ASN A 287 -20.80 -24.70 -20.87
N LYS A 288 -19.59 -24.63 -21.47
CA LYS A 288 -18.41 -25.34 -20.96
C LYS A 288 -17.73 -24.55 -19.81
N ARG A 289 -18.00 -23.24 -19.74
CA ARG A 289 -17.45 -22.34 -18.72
C ARG A 289 -18.02 -22.65 -17.33
N PRO A 290 -17.22 -22.51 -16.24
CA PRO A 290 -17.79 -22.75 -14.90
C PRO A 290 -18.68 -21.57 -14.47
N ASP A 291 -19.54 -21.82 -13.48
CA ASP A 291 -20.39 -20.79 -12.89
C ASP A 291 -19.49 -19.99 -11.92
N ILE A 292 -19.92 -18.78 -11.52
CA ILE A 292 -19.16 -17.90 -10.62
C ILE A 292 -18.86 -18.57 -9.27
N LYS A 293 -19.76 -19.41 -8.74
CA LYS A 293 -19.51 -20.10 -7.45
C LYS A 293 -18.34 -21.08 -7.57
N LYS A 294 -18.18 -21.74 -8.74
CA LYS A 294 -17.06 -22.65 -9.02
C LYS A 294 -15.75 -21.84 -9.18
N VAL A 295 -15.78 -20.67 -9.85
CA VAL A 295 -14.61 -19.79 -10.03
C VAL A 295 -14.12 -19.38 -8.63
N GLN A 296 -15.05 -18.91 -7.78
CA GLN A 296 -14.85 -18.50 -6.40
C GLN A 296 -14.18 -19.63 -5.58
N GLN A 297 -14.68 -20.87 -5.74
CA GLN A 297 -14.16 -22.07 -5.07
C GLN A 297 -12.75 -22.42 -5.54
N LEU A 298 -12.49 -22.35 -6.86
CA LEU A 298 -11.17 -22.64 -7.43
C LEU A 298 -10.11 -21.60 -6.99
N LEU A 299 -10.50 -20.30 -6.94
CA LEU A 299 -9.57 -19.25 -6.50
C LEU A 299 -9.23 -19.38 -5.00
N GLN A 300 -10.16 -19.93 -4.19
CA GLN A 300 -9.97 -20.18 -2.75
C GLN A 300 -9.01 -21.36 -2.56
N GLU A 301 -9.15 -22.43 -3.38
CA GLU A 301 -8.28 -23.62 -3.33
C GLU A 301 -6.84 -23.27 -3.67
N MET A 302 -6.66 -22.30 -4.60
CA MET A 302 -5.38 -21.79 -5.11
C MET A 302 -4.45 -21.31 -3.97
N THR A 303 -5.00 -20.60 -2.97
CA THR A 303 -4.25 -20.09 -1.82
C THR A 303 -4.27 -21.04 -0.61
N THR B 8 25.48 25.75 -5.81
CA THR B 8 25.68 24.58 -4.96
C THR B 8 24.48 23.59 -5.00
N ARG B 9 24.73 22.36 -4.49
CA ARG B 9 23.86 21.18 -4.38
C ARG B 9 22.33 21.41 -4.36
N PHE B 10 21.85 22.34 -3.51
CA PHE B 10 20.41 22.58 -3.30
C PHE B 10 19.87 23.87 -3.86
N HIS B 11 18.63 23.84 -4.33
CA HIS B 11 17.98 25.04 -4.85
C HIS B 11 17.61 26.03 -3.73
N SER B 12 18.00 27.30 -3.90
CA SER B 12 17.68 28.35 -2.93
C SER B 12 16.36 29.00 -3.36
N PHE B 13 15.33 28.82 -2.53
CA PHE B 13 13.98 29.33 -2.79
C PHE B 13 13.76 30.63 -2.03
N SER B 14 12.97 31.55 -2.56
CA SER B 14 12.58 32.74 -1.78
C SER B 14 11.42 32.22 -0.93
N PHE B 15 11.22 32.76 0.27
CA PHE B 15 10.07 32.36 1.07
C PHE B 15 8.72 32.68 0.29
N TYR B 16 8.74 33.67 -0.62
CA TYR B 16 7.58 34.08 -1.40
C TYR B 16 7.18 33.04 -2.45
N GLU B 17 8.18 32.38 -3.06
CA GLU B 17 7.93 31.30 -4.00
C GLU B 17 7.29 30.11 -3.23
N LEU B 18 7.76 29.85 -1.99
CA LEU B 18 7.22 28.76 -1.17
C LEU B 18 5.77 28.97 -0.74
N LYS B 19 5.33 30.25 -0.65
CA LYS B 19 3.93 30.62 -0.41
C LYS B 19 3.13 30.22 -1.67
N ASN B 20 3.69 30.40 -2.89
CA ASN B 20 2.97 29.98 -4.12
C ASN B 20 2.96 28.45 -4.30
N VAL B 21 3.88 27.72 -3.61
CA VAL B 21 4.01 26.27 -3.66
C VAL B 21 2.98 25.63 -2.70
N THR B 22 2.73 26.26 -1.53
CA THR B 22 1.91 25.76 -0.42
C THR B 22 0.57 26.48 -0.19
N ASN B 23 0.07 27.24 -1.20
CA ASN B 23 -1.20 27.98 -1.13
C ASN B 23 -1.19 28.88 0.10
N ASN B 24 -0.11 29.67 0.21
CA ASN B 24 0.17 30.59 1.33
C ASN B 24 0.15 29.86 2.69
N PHE B 25 0.84 28.70 2.76
CA PHE B 25 0.95 27.86 3.95
C PHE B 25 -0.46 27.52 4.56
N ASP B 26 -1.39 27.08 3.69
CA ASP B 26 -2.77 26.72 4.04
C ASP B 26 -2.78 25.72 5.19
N GLU B 27 -3.33 26.14 6.35
CA GLU B 27 -3.32 25.38 7.60
C GLU B 27 -4.29 24.20 7.68
N ARG B 28 -5.23 24.09 6.73
CA ARG B 28 -6.20 22.98 6.73
C ARG B 28 -5.51 21.61 6.47
N PRO B 29 -5.94 20.51 7.10
CA PRO B 29 -5.25 19.21 6.87
C PRO B 29 -5.41 18.70 5.44
N ILE B 30 -4.38 17.97 4.94
CA ILE B 30 -4.40 17.39 3.61
C ILE B 30 -5.56 16.39 3.48
N SER B 31 -5.91 15.66 4.59
CA SER B 31 -7.03 14.69 4.65
C SER B 31 -8.38 15.32 4.24
N VAL B 32 -8.47 16.66 4.29
CA VAL B 32 -9.69 17.41 3.97
C VAL B 32 -9.45 18.38 2.77
N GLY B 33 -8.33 18.17 2.08
CA GLY B 33 -7.95 18.94 0.90
C GLY B 33 -7.11 20.20 1.11
N GLY B 34 -6.56 20.37 2.31
CA GLY B 34 -5.70 21.51 2.60
C GLY B 34 -4.25 21.15 2.33
N ASN B 35 -3.30 21.95 2.89
CA ASN B 35 -1.88 21.71 2.70
C ASN B 35 -1.14 21.18 3.95
N LYS B 36 -1.72 21.32 5.16
CA LYS B 36 -1.02 20.87 6.37
C LYS B 36 -0.91 19.37 6.47
N MET B 37 0.28 18.85 6.70
CA MET B 37 0.51 17.40 6.78
C MET B 37 0.86 16.93 8.20
N GLY B 38 1.48 17.81 8.95
CA GLY B 38 1.90 17.48 10.31
C GLY B 38 2.74 18.55 10.94
N GLU B 39 3.14 18.29 12.19
CA GLU B 39 3.98 19.17 13.00
C GLU B 39 4.76 18.40 14.07
N GLY B 40 5.91 18.97 14.41
CA GLY B 40 6.84 18.47 15.42
C GLY B 40 7.32 19.60 16.30
N GLY B 41 8.40 19.34 17.04
CA GLY B 41 8.98 20.30 17.96
C GLY B 41 9.68 21.48 17.32
N PHE B 42 10.10 21.32 16.05
CA PHE B 42 10.85 22.39 15.39
C PHE B 42 10.16 22.99 14.14
N GLY B 43 8.91 22.60 13.88
CA GLY B 43 8.17 23.13 12.73
C GLY B 43 6.94 22.38 12.27
N VAL B 44 6.24 22.95 11.26
CA VAL B 44 5.03 22.42 10.62
C VAL B 44 5.38 22.04 9.15
N VAL B 45 4.87 20.89 8.68
CA VAL B 45 5.09 20.38 7.34
C VAL B 45 3.85 20.58 6.46
N TYR B 46 4.05 21.18 5.28
CA TYR B 46 3.03 21.48 4.28
C TYR B 46 3.29 20.73 2.98
N LYS B 47 2.21 20.40 2.28
CA LYS B 47 2.25 19.76 0.99
C LYS B 47 2.26 20.88 -0.03
N GLY B 48 2.99 20.65 -1.12
CA GLY B 48 3.04 21.59 -2.22
C GLY B 48 3.40 20.96 -3.55
N TYR B 49 3.50 21.80 -4.56
CA TYR B 49 3.89 21.36 -5.90
C TYR B 49 4.95 22.28 -6.44
N VAL B 50 6.12 21.73 -6.81
CA VAL B 50 7.19 22.50 -7.47
C VAL B 50 7.30 21.90 -8.85
N ASN B 51 6.77 22.65 -9.83
CA ASN B 51 6.51 22.20 -11.21
C ASN B 51 5.50 21.11 -11.02
N ASN B 52 5.78 19.90 -11.44
CA ASN B 52 4.84 18.81 -11.20
C ASN B 52 5.31 17.84 -10.12
N THR B 53 6.33 18.22 -9.35
CA THR B 53 6.89 17.43 -8.24
C THR B 53 6.10 17.77 -6.97
N THR B 54 5.49 16.75 -6.36
CA THR B 54 4.82 16.93 -5.07
C THR B 54 5.95 17.08 -4.01
N VAL B 55 5.92 18.15 -3.22
CA VAL B 55 6.96 18.40 -2.20
C VAL B 55 6.38 18.43 -0.80
N ALA B 56 7.27 18.33 0.22
CA ALA B 56 7.00 18.52 1.64
C ALA B 56 7.81 19.77 2.01
N VAL B 57 7.15 20.81 2.51
CA VAL B 57 7.82 22.04 2.93
C VAL B 57 7.73 22.16 4.44
N LYS B 58 8.88 22.03 5.11
CA LYS B 58 8.96 22.17 6.56
C LYS B 58 9.27 23.63 6.87
N LYS B 59 8.30 24.35 7.45
CA LYS B 59 8.50 25.74 7.90
C LYS B 59 8.97 25.65 9.35
N LEU B 60 10.23 26.02 9.62
CA LEU B 60 10.82 25.94 10.96
C LEU B 60 10.18 26.95 11.93
N ALA B 61 9.93 26.53 13.18
CA ALA B 61 9.33 27.36 14.23
C ALA B 61 9.71 26.87 15.63
N ALA B 62 9.59 27.76 16.63
CA ALA B 62 9.85 27.40 18.03
C ALA B 62 8.59 26.77 18.65
N MET B 63 8.37 25.46 18.42
CA MET B 63 7.21 24.75 18.99
C MET B 63 7.54 24.37 20.44
N VAL B 64 8.71 23.73 20.63
CA VAL B 64 9.29 23.37 21.92
C VAL B 64 10.33 24.45 22.25
N ASP B 65 10.53 24.76 23.55
CA ASP B 65 11.43 25.81 24.08
C ASP B 65 12.86 25.78 23.48
N ILE B 66 13.07 26.58 22.40
CA ILE B 66 14.33 26.72 21.67
C ILE B 66 14.52 28.16 21.19
N THR B 67 15.77 28.62 21.10
CA THR B 67 16.09 29.98 20.65
C THR B 67 16.18 30.06 19.11
N THR B 68 16.06 31.30 18.55
CA THR B 68 16.16 31.57 17.11
C THR B 68 17.53 31.15 16.54
N GLU B 69 18.61 31.37 17.32
CA GLU B 69 19.98 30.99 16.93
C GLU B 69 20.16 29.47 16.94
N GLU B 70 19.45 28.75 17.83
CA GLU B 70 19.52 27.29 17.89
C GLU B 70 18.81 26.70 16.68
N LEU B 71 17.65 27.33 16.27
CA LEU B 71 16.87 26.94 15.09
C LEU B 71 17.74 27.08 13.85
N LYS B 72 18.46 28.22 13.74
CA LYS B 72 19.38 28.53 12.64
C LYS B 72 20.51 27.49 12.54
N GLN B 73 21.05 27.08 13.69
CA GLN B 73 22.12 26.08 13.76
C GLN B 73 21.62 24.72 13.29
N GLN B 74 20.37 24.37 13.62
CA GLN B 74 19.75 23.11 13.21
C GLN B 74 19.46 23.10 11.70
N PHE B 75 18.99 24.24 11.17
CA PHE B 75 18.73 24.45 9.75
C PHE B 75 20.05 24.25 8.96
N ASP B 76 21.15 24.90 9.40
CA ASP B 76 22.48 24.81 8.79
C ASP B 76 23.02 23.38 8.88
N GLN B 77 22.81 22.72 10.02
CA GLN B 77 23.28 21.35 10.23
C GLN B 77 22.62 20.37 9.26
N GLU B 78 21.29 20.52 9.07
CA GLU B 78 20.50 19.69 8.15
C GLU B 78 21.06 19.81 6.72
N ILE B 79 21.32 21.05 6.27
CA ILE B 79 21.86 21.31 4.92
C ILE B 79 23.26 20.68 4.75
N LYS B 80 24.13 20.81 5.76
CA LYS B 80 25.48 20.23 5.76
C LYS B 80 25.44 18.68 5.68
N VAL B 81 24.60 18.02 6.49
CA VAL B 81 24.46 16.55 6.49
C VAL B 81 23.87 16.05 5.16
N MET B 82 22.87 16.78 4.63
CA MET B 82 22.20 16.43 3.38
C MET B 82 23.11 16.55 2.19
N ALA B 83 24.03 17.56 2.20
CA ALA B 83 25.01 17.75 1.14
C ALA B 83 26.03 16.59 1.13
N LYS B 84 26.36 16.04 2.31
CA LYS B 84 27.31 14.95 2.41
C LYS B 84 26.70 13.56 2.24
N CYS B 85 25.46 13.34 2.73
CA CYS B 85 24.86 11.99 2.72
C CYS B 85 23.65 11.85 1.80
N GLN B 86 23.78 10.98 0.78
CA GLN B 86 22.70 10.60 -0.16
C GLN B 86 22.65 9.08 -0.16
N HIS B 87 21.48 8.53 0.10
CA HIS B 87 21.25 7.09 0.19
C HIS B 87 19.74 6.85 -0.01
N GLU B 88 19.37 5.67 -0.54
CA GLU B 88 17.97 5.26 -0.75
C GLU B 88 17.16 5.22 0.56
N ASN B 89 17.85 5.09 1.70
CA ASN B 89 17.16 5.04 3.00
C ASN B 89 17.30 6.33 3.82
N LEU B 90 17.58 7.45 3.15
CA LEU B 90 17.67 8.77 3.73
C LEU B 90 16.74 9.69 2.91
N VAL B 91 16.00 10.63 3.54
CA VAL B 91 15.16 11.55 2.75
C VAL B 91 16.08 12.42 1.86
N GLU B 92 15.56 12.96 0.76
CA GLU B 92 16.34 13.81 -0.14
C GLU B 92 15.87 15.27 0.02
N LEU B 93 16.82 16.16 0.31
CA LEU B 93 16.57 17.58 0.41
C LEU B 93 16.60 18.17 -1.02
N LEU B 94 15.54 18.88 -1.41
CA LEU B 94 15.48 19.48 -2.74
C LEU B 94 15.98 20.91 -2.68
N GLY B 95 15.69 21.60 -1.56
CA GLY B 95 16.10 22.99 -1.40
C GLY B 95 15.72 23.57 -0.07
N PHE B 96 15.90 24.87 0.05
CA PHE B 96 15.68 25.63 1.29
C PHE B 96 15.36 27.11 1.01
N SER B 97 14.92 27.82 2.03
CA SER B 97 14.66 29.25 1.97
C SER B 97 15.19 29.82 3.28
N SER B 98 16.07 30.82 3.21
CA SER B 98 16.69 31.40 4.40
C SER B 98 16.47 32.90 4.60
N ASP B 99 16.17 33.64 3.53
CA ASP B 99 15.98 35.10 3.60
C ASP B 99 14.92 35.51 4.61
N GLY B 100 15.30 36.46 5.47
CA GLY B 100 14.48 36.99 6.57
C GLY B 100 14.52 36.14 7.82
N ASP B 101 13.48 36.27 8.66
CA ASP B 101 13.34 35.53 9.92
C ASP B 101 12.68 34.14 9.73
N ASP B 102 12.39 33.75 8.48
CA ASP B 102 11.76 32.48 8.13
C ASP B 102 12.75 31.47 7.60
N LEU B 103 12.60 30.20 8.01
CA LEU B 103 13.48 29.14 7.54
C LEU B 103 12.64 27.98 7.06
N CYS B 104 12.88 27.54 5.81
CA CYS B 104 12.14 26.41 5.22
C CYS B 104 13.08 25.40 4.62
N LEU B 105 12.70 24.14 4.70
CA LEU B 105 13.43 23.05 4.08
C LEU B 105 12.45 22.36 3.15
N VAL B 106 12.86 22.08 1.91
CA VAL B 106 11.98 21.51 0.90
C VAL B 106 12.43 20.09 0.57
N TYR B 107 11.51 19.11 0.63
CA TYR B 107 11.84 17.71 0.37
C TYR B 107 10.89 17.08 -0.63
N VAL B 108 11.25 15.91 -1.14
CA VAL B 108 10.36 15.09 -1.97
C VAL B 108 9.24 14.61 -1.02
N TYR B 109 7.98 14.72 -1.46
CA TYR B 109 6.82 14.27 -0.69
C TYR B 109 6.82 12.76 -0.50
N MET B 110 6.53 12.29 0.74
CA MET B 110 6.51 10.89 1.12
C MET B 110 5.05 10.37 1.13
N PRO B 111 4.65 9.53 0.13
CA PRO B 111 3.23 9.14 0.04
C PRO B 111 2.66 8.37 1.23
N ASN B 112 3.51 7.68 2.02
CA ASN B 112 3.01 7.01 3.20
C ASN B 112 3.43 7.65 4.50
N GLY B 113 3.80 8.95 4.48
CA GLY B 113 4.13 9.74 5.67
C GLY B 113 5.13 9.13 6.64
N SER B 114 4.84 9.14 7.96
CA SER B 114 5.78 8.57 8.93
C SER B 114 5.39 7.20 9.39
N LEU B 115 6.37 6.45 9.88
CA LEU B 115 6.18 5.10 10.45
C LEU B 115 5.30 5.22 11.70
N LEU B 116 5.47 6.29 12.48
CA LEU B 116 4.68 6.53 13.70
C LEU B 116 3.18 6.56 13.34
N ASP B 117 2.84 7.40 12.38
CA ASP B 117 1.46 7.55 11.89
C ASP B 117 0.94 6.26 11.25
N ARG B 118 1.80 5.47 10.56
CA ARG B 118 1.33 4.21 9.94
C ARG B 118 1.08 3.11 10.99
N LEU B 119 1.89 3.07 12.06
CA LEU B 119 1.69 2.12 13.16
C LEU B 119 0.42 2.46 13.95
N SER B 120 0.03 3.73 13.98
CA SER B 120 -1.20 4.11 14.67
C SER B 120 -2.42 4.19 13.72
N CYS B 121 -2.25 3.86 12.39
CA CYS B 121 -3.29 3.90 11.34
C CYS B 121 -3.95 5.29 11.22
N LEU B 122 -3.17 6.35 11.47
CA LEU B 122 -3.67 7.72 11.39
C LEU B 122 -4.28 7.97 9.99
N ASP B 123 -5.46 8.64 9.95
CA ASP B 123 -6.15 9.02 8.71
C ASP B 123 -6.71 7.83 7.92
N GLY B 124 -6.92 6.72 8.62
CA GLY B 124 -7.56 5.55 8.07
C GLY B 124 -6.72 4.63 7.24
N THR B 125 -5.38 4.76 7.30
CA THR B 125 -4.52 3.86 6.51
C THR B 125 -4.58 2.42 7.08
N PRO B 126 -4.47 1.36 6.26
CA PRO B 126 -4.56 0.00 6.84
C PRO B 126 -3.37 -0.38 7.72
N PRO B 127 -3.51 -1.29 8.72
CA PRO B 127 -2.34 -1.70 9.52
C PRO B 127 -1.22 -2.30 8.66
N LEU B 128 0.03 -2.09 9.04
CA LEU B 128 1.16 -2.63 8.33
C LEU B 128 1.28 -4.12 8.66
N SER B 129 1.46 -4.96 7.65
CA SER B 129 1.61 -6.40 7.87
C SER B 129 2.99 -6.63 8.52
N TRP B 130 3.20 -7.81 9.09
CA TRP B 130 4.49 -8.18 9.67
C TRP B 130 5.61 -8.14 8.61
N HIS B 131 5.28 -8.58 7.40
CA HIS B 131 6.20 -8.62 6.26
C HIS B 131 6.69 -7.21 5.91
N MET B 132 5.78 -6.22 5.88
CA MET B 132 6.15 -4.82 5.63
C MET B 132 6.99 -4.26 6.78
N ARG B 133 6.66 -4.62 8.02
CA ARG B 133 7.35 -4.15 9.23
C ARG B 133 8.81 -4.60 9.22
N CYS B 134 9.07 -5.86 8.76
CA CYS B 134 10.43 -6.40 8.62
C CYS B 134 11.24 -5.64 7.56
N LYS B 135 10.65 -5.32 6.43
CA LYS B 135 11.34 -4.58 5.37
C LYS B 135 11.66 -3.16 5.83
N ILE B 136 10.73 -2.52 6.58
CA ILE B 136 10.93 -1.17 7.10
C ILE B 136 12.08 -1.17 8.12
N ALA B 137 12.12 -2.17 9.00
CA ALA B 137 13.17 -2.29 10.02
C ALA B 137 14.52 -2.42 9.31
N GLN B 138 14.62 -3.29 8.27
CA GLN B 138 15.85 -3.46 7.50
C GLN B 138 16.24 -2.14 6.76
N GLY B 139 15.27 -1.44 6.17
CA GLY B 139 15.59 -0.20 5.47
C GLY B 139 16.11 0.87 6.43
N ALA B 140 15.48 0.99 7.59
CA ALA B 140 15.89 1.95 8.62
C ALA B 140 17.32 1.65 9.13
N ALA B 141 17.60 0.35 9.38
CA ALA B 141 18.93 -0.18 9.75
C ALA B 141 20.00 0.18 8.69
N ASN B 142 19.66 0.11 7.38
CA ASN B 142 20.56 0.46 6.26
C ASN B 142 20.84 1.96 6.22
N GLY B 143 19.83 2.77 6.53
CA GLY B 143 19.96 4.22 6.59
C GLY B 143 20.90 4.65 7.69
N ILE B 144 20.69 4.11 8.93
CA ILE B 144 21.54 4.39 10.10
C ILE B 144 22.97 3.89 9.82
N ASN B 145 23.11 2.67 9.25
CA ASN B 145 24.42 2.14 8.89
C ASN B 145 25.19 3.08 7.95
N PHE B 146 24.52 3.63 6.92
CA PHE B 146 25.15 4.60 6.01
C PHE B 146 25.63 5.84 6.76
N LEU B 147 24.78 6.39 7.66
CA LEU B 147 25.12 7.58 8.45
C LEU B 147 26.34 7.34 9.32
N HIS B 148 26.40 6.19 10.01
CA HIS B 148 27.50 5.83 10.90
C HIS B 148 28.81 5.59 10.12
N GLU B 149 28.71 4.96 8.92
CA GLU B 149 29.84 4.73 8.01
C GLU B 149 30.44 6.06 7.56
N ASN B 150 29.59 7.10 7.46
CA ASN B 150 29.99 8.45 7.08
C ASN B 150 30.22 9.33 8.30
N HIS B 151 30.49 8.69 9.46
CA HIS B 151 30.84 9.31 10.75
C HIS B 151 29.84 10.37 11.25
N HIS B 152 28.54 10.07 11.11
CA HIS B 152 27.49 10.96 11.63
C HIS B 152 26.64 10.23 12.64
N ILE B 153 26.28 10.93 13.72
CA ILE B 153 25.38 10.45 14.77
C ILE B 153 24.08 11.23 14.55
N HIS B 154 22.95 10.51 14.43
CA HIS B 154 21.66 11.12 14.18
C HIS B 154 21.16 11.94 15.37
N ARG B 155 21.12 11.31 16.56
CA ARG B 155 20.69 11.88 17.87
C ARG B 155 19.16 12.04 18.05
N ASP B 156 18.34 11.66 17.05
CA ASP B 156 16.89 11.78 17.18
C ASP B 156 16.16 10.68 16.44
N ILE B 157 16.69 9.44 16.53
CA ILE B 157 16.09 8.27 15.93
C ILE B 157 14.80 7.98 16.68
N LYS B 158 13.68 8.03 15.95
CA LYS B 158 12.33 7.74 16.44
C LYS B 158 11.45 7.44 15.22
N SER B 159 10.37 6.67 15.42
CA SER B 159 9.43 6.32 14.35
C SER B 159 8.82 7.55 13.64
N ALA B 160 8.65 8.69 14.32
CA ALA B 160 8.18 9.92 13.65
C ALA B 160 9.20 10.43 12.63
N ASN B 161 10.50 10.04 12.78
CA ASN B 161 11.59 10.45 11.91
C ASN B 161 11.95 9.40 10.86
N ILE B 162 11.16 8.30 10.79
CA ILE B 162 11.33 7.28 9.76
C ILE B 162 10.13 7.46 8.83
N LEU B 163 10.39 7.98 7.67
CA LEU B 163 9.37 8.26 6.67
C LEU B 163 9.23 7.10 5.68
N LEU B 164 8.07 7.00 5.03
CA LEU B 164 7.80 5.89 4.11
C LEU B 164 7.33 6.34 2.74
N ASP B 165 8.00 5.87 1.65
CA ASP B 165 7.61 6.23 0.27
C ASP B 165 6.42 5.35 -0.19
N GLU B 166 6.05 5.43 -1.50
CA GLU B 166 4.97 4.65 -2.17
C GLU B 166 5.06 3.15 -1.86
N ALA B 167 6.28 2.61 -1.94
CA ALA B 167 6.69 1.22 -1.79
C ALA B 167 7.02 0.85 -0.34
N PHE B 168 6.81 1.80 0.62
CA PHE B 168 7.13 1.67 2.05
C PHE B 168 8.64 1.47 2.31
N THR B 169 9.46 2.11 1.47
CA THR B 169 10.91 2.14 1.66
C THR B 169 11.09 3.16 2.81
N ALA B 170 11.76 2.73 3.88
CA ALA B 170 12.06 3.53 5.06
C ALA B 170 13.06 4.63 4.66
N LYS B 171 12.80 5.86 5.06
CA LYS B 171 13.70 6.99 4.80
C LYS B 171 13.91 7.80 6.08
N ILE B 172 15.13 7.75 6.66
CA ILE B 172 15.50 8.52 7.84
C ILE B 172 15.41 10.03 7.54
N SER B 173 14.79 10.79 8.43
CA SER B 173 14.68 12.25 8.26
C SER B 173 15.14 12.98 9.53
N ASP B 174 15.13 14.33 9.47
CA ASP B 174 15.43 15.27 10.55
C ASP B 174 16.86 15.12 11.05
N PHE B 175 17.78 15.82 10.39
CA PHE B 175 19.22 15.78 10.69
C PHE B 175 19.72 17.05 11.40
N GLY B 176 18.79 17.87 11.87
CA GLY B 176 19.09 19.14 12.55
C GLY B 176 19.96 19.00 13.79
N LEU B 177 19.89 17.85 14.48
CA LEU B 177 20.69 17.58 15.68
C LEU B 177 21.85 16.62 15.39
N ALA B 178 22.07 16.25 14.13
CA ALA B 178 23.15 15.32 13.77
C ALA B 178 24.54 15.87 14.10
N ARG B 179 25.45 15.01 14.56
CA ARG B 179 26.81 15.39 14.91
C ARG B 179 27.83 14.54 14.16
N ALA B 180 28.80 15.20 13.54
CA ALA B 180 29.89 14.52 12.82
C ALA B 180 30.98 14.18 13.82
N SER B 181 31.46 12.94 13.80
CA SER B 181 32.50 12.50 14.74
C SER B 181 33.65 11.81 14.01
N GLU B 182 34.81 12.47 14.02
CA GLU B 182 36.10 12.03 13.43
C GLU B 182 36.55 10.70 14.08
N LYS B 183 36.69 10.68 15.43
CA LYS B 183 37.00 9.48 16.22
C LYS B 183 35.62 9.03 16.74
N PHE B 184 34.88 8.39 15.82
CA PHE B 184 33.47 7.97 15.95
C PHE B 184 33.04 7.38 17.31
N ALA B 185 33.69 6.29 17.77
CA ALA B 185 33.37 5.61 19.04
C ALA B 185 33.44 6.49 20.31
N GLN B 186 34.39 7.46 20.37
CA GLN B 186 34.61 8.35 21.54
C GLN B 186 33.38 9.17 21.99
N THR B 187 33.05 9.09 23.30
CA THR B 187 31.91 9.80 23.90
C THR B 187 32.23 11.26 24.20
N VAL B 188 31.38 12.18 23.70
CA VAL B 188 31.48 13.64 23.84
C VAL B 188 30.38 14.13 24.82
N MET B 189 30.47 15.36 25.34
CA MET B 189 29.46 15.92 26.24
C MET B 189 28.86 17.20 25.71
N TPO B 190 27.60 17.48 26.07
CA TPO B 190 26.90 18.71 25.70
CB TPO B 190 25.98 18.59 24.44
CG2 TPO B 190 24.76 17.64 24.64
OG1 TPO B 190 25.42 19.89 24.08
P TPO B 190 26.20 20.82 23.08
O1P TPO B 190 25.19 21.38 22.07
O2P TPO B 190 27.37 20.15 22.33
O3P TPO B 190 26.74 22.02 23.88
C TPO B 190 26.17 19.32 26.90
O TPO B 190 25.82 18.59 27.84
N SEP B 191 25.93 20.64 26.86
CA SEP B 191 25.22 21.38 27.89
CB SEP B 191 25.90 22.66 28.26
OG SEP B 191 25.79 23.59 27.16
C SEP B 191 23.74 21.55 27.53
O SEP B 191 22.91 21.76 28.41
P SEP B 191 26.88 24.68 27.29
O1P SEP B 191 26.39 25.86 26.46
O2P SEP B 191 28.23 24.15 26.79
O3P SEP B 191 27.08 25.24 28.73
N ARG B 192 23.42 21.43 26.22
CA ARG B 192 22.05 21.54 25.69
C ARG B 192 21.54 20.14 25.31
N ILE B 193 20.78 19.49 26.24
CA ILE B 193 20.21 18.15 26.02
C ILE B 193 19.01 18.24 25.09
N VAL B 194 19.12 17.59 23.93
CA VAL B 194 18.09 17.57 22.89
C VAL B 194 17.75 16.13 22.50
N GLY B 195 16.49 15.94 22.09
CA GLY B 195 15.96 14.66 21.67
C GLY B 195 14.59 14.37 22.26
N THR B 196 14.07 13.16 21.99
CA THR B 196 12.76 12.70 22.50
C THR B 196 13.02 11.70 23.60
N THR B 197 12.67 12.09 24.85
CA THR B 197 12.97 11.37 26.09
C THR B 197 12.55 9.90 26.02
N ALA B 198 11.37 9.60 25.48
CA ALA B 198 10.86 8.23 25.37
C ALA B 198 11.76 7.28 24.56
N TYR B 199 12.64 7.83 23.69
CA TYR B 199 13.54 7.04 22.83
C TYR B 199 15.01 7.11 23.26
N MET B 200 15.36 8.14 24.02
CA MET B 200 16.75 8.43 24.41
C MET B 200 17.38 7.42 25.35
N ALA B 201 18.65 7.08 25.05
CA ALA B 201 19.47 6.20 25.88
C ALA B 201 19.78 6.89 27.20
N PRO B 202 20.02 6.14 28.30
CA PRO B 202 20.29 6.81 29.59
C PRO B 202 21.42 7.88 29.52
N GLU B 203 22.52 7.55 28.81
CA GLU B 203 23.66 8.48 28.69
C GLU B 203 23.32 9.75 27.89
N ALA B 204 22.45 9.63 26.87
CA ALA B 204 22.04 10.77 26.04
C ALA B 204 21.19 11.70 26.88
N LEU B 205 20.38 11.13 27.81
CA LEU B 205 19.56 11.92 28.73
C LEU B 205 20.44 12.74 29.68
N ARG B 206 21.71 12.29 29.90
CA ARG B 206 22.66 12.98 30.75
C ARG B 206 23.66 13.87 29.96
N GLY B 207 23.46 13.97 28.65
CA GLY B 207 24.28 14.83 27.78
C GLY B 207 25.37 14.19 26.94
N GLU B 208 25.69 12.88 27.15
CA GLU B 208 26.71 12.21 26.34
C GLU B 208 26.27 12.08 24.89
N ILE B 209 27.20 12.24 23.95
CA ILE B 209 27.02 12.12 22.51
C ILE B 209 27.84 10.92 22.06
N THR B 210 27.18 9.86 21.55
CA THR B 210 27.84 8.62 21.10
C THR B 210 27.00 7.89 20.05
N PRO B 211 27.59 7.22 19.03
CA PRO B 211 26.76 6.46 18.06
C PRO B 211 25.99 5.31 18.70
N LYS B 212 26.40 4.89 19.90
CA LYS B 212 25.73 3.82 20.65
C LYS B 212 24.34 4.26 21.12
N SER B 213 24.11 5.58 21.27
CA SER B 213 22.80 6.12 21.66
C SER B 213 21.77 5.89 20.53
N ASP B 214 22.22 6.01 19.24
CA ASP B 214 21.40 5.79 18.04
C ASP B 214 20.93 4.33 18.02
N ILE B 215 21.80 3.37 18.47
CA ILE B 215 21.47 1.95 18.56
C ILE B 215 20.36 1.70 19.59
N TYR B 216 20.44 2.39 20.73
CA TYR B 216 19.45 2.26 21.81
C TYR B 216 18.09 2.75 21.32
N SER B 217 18.07 3.92 20.68
CA SER B 217 16.87 4.53 20.10
C SER B 217 16.25 3.63 19.02
N PHE B 218 17.09 2.93 18.24
CA PHE B 218 16.60 2.04 17.20
C PHE B 218 15.92 0.82 17.83
N GLY B 219 16.46 0.38 18.98
CA GLY B 219 15.87 -0.71 19.76
C GLY B 219 14.48 -0.35 20.22
N VAL B 220 14.25 0.92 20.64
CA VAL B 220 12.92 1.39 21.02
C VAL B 220 11.96 1.31 19.79
N VAL B 221 12.43 1.77 18.60
CA VAL B 221 11.69 1.72 17.35
C VAL B 221 11.30 0.26 17.03
N LEU B 222 12.21 -0.71 17.22
CA LEU B 222 11.90 -2.11 16.99
C LEU B 222 10.78 -2.60 17.91
N LEU B 223 10.70 -2.07 19.15
CA LEU B 223 9.60 -2.41 20.07
C LEU B 223 8.27 -1.79 19.59
N GLU B 224 8.29 -0.60 18.98
CA GLU B 224 7.09 0.07 18.46
C GLU B 224 6.59 -0.73 17.26
N ILE B 225 7.53 -1.29 16.47
CA ILE B 225 7.20 -2.09 15.28
C ILE B 225 6.52 -3.41 15.70
N ILE B 226 7.06 -4.11 16.73
CA ILE B 226 6.49 -5.38 17.21
C ILE B 226 5.10 -5.23 17.85
N THR B 227 4.96 -4.24 18.69
CA THR B 227 3.76 -3.96 19.50
C THR B 227 2.73 -3.04 18.87
N GLY B 228 3.14 -2.16 17.97
CA GLY B 228 2.21 -1.18 17.40
C GLY B 228 1.90 -0.08 18.42
N LEU B 229 2.63 -0.08 19.56
CA LEU B 229 2.45 0.89 20.62
C LEU B 229 3.44 2.06 20.49
N PRO B 230 3.01 3.33 20.61
CA PRO B 230 4.00 4.43 20.57
C PRO B 230 4.92 4.37 21.80
N ALA B 231 6.16 4.86 21.69
CA ALA B 231 7.16 4.85 22.79
C ALA B 231 6.66 5.52 24.08
N VAL B 232 5.81 6.56 23.92
CA VAL B 232 5.16 7.29 25.01
C VAL B 232 3.68 7.51 24.67
N ASP B 233 2.78 7.27 25.64
CA ASP B 233 1.34 7.50 25.49
C ASP B 233 0.82 7.99 26.82
N GLU B 234 0.40 9.28 26.88
CA GLU B 234 -0.12 9.95 28.09
C GLU B 234 -1.33 9.24 28.68
N HIS B 235 -2.15 8.59 27.84
CA HIS B 235 -3.36 7.89 28.26
C HIS B 235 -3.18 6.36 28.32
N ARG B 236 -1.98 5.89 28.70
CA ARG B 236 -1.68 4.46 28.78
C ARG B 236 -0.95 4.10 30.07
N GLU B 237 -1.14 2.87 30.54
CA GLU B 237 -0.47 2.38 31.73
C GLU B 237 0.30 1.12 31.34
N PRO B 238 1.66 1.18 31.31
CA PRO B 238 2.53 2.31 31.63
C PRO B 238 2.65 3.28 30.46
N GLN B 239 2.86 4.57 30.77
CA GLN B 239 3.01 5.61 29.76
C GLN B 239 4.23 5.34 28.82
N LEU B 240 5.30 4.70 29.33
CA LEU B 240 6.55 4.40 28.61
C LEU B 240 6.70 2.97 28.17
N LEU B 241 6.99 2.75 26.85
CA LEU B 241 7.19 1.44 26.22
C LEU B 241 8.39 0.72 26.79
N LEU B 242 9.36 1.50 27.32
CA LEU B 242 10.56 0.98 27.99
C LEU B 242 10.13 0.25 29.29
N ASP B 243 9.11 0.77 30.01
CA ASP B 243 8.55 0.12 31.23
C ASP B 243 7.96 -1.26 30.89
N ILE B 244 7.26 -1.37 29.74
CA ILE B 244 6.71 -2.63 29.20
C ILE B 244 7.90 -3.62 28.96
N LYS B 245 9.04 -3.13 28.45
CA LYS B 245 10.23 -3.94 28.23
C LYS B 245 10.76 -4.53 29.56
N GLU B 246 10.68 -3.76 30.66
CA GLU B 246 11.12 -4.24 31.97
C GLU B 246 10.26 -5.45 32.42
N GLU B 247 8.92 -5.35 32.20
CA GLU B 247 7.90 -6.37 32.49
C GLU B 247 8.25 -7.74 31.87
N ILE B 248 8.82 -7.75 30.64
CA ILE B 248 9.23 -8.98 29.97
C ILE B 248 10.49 -9.56 30.62
N GLU B 249 11.48 -8.69 30.94
CA GLU B 249 12.74 -9.06 31.58
C GLU B 249 12.52 -9.63 32.98
N ASP B 250 11.57 -9.04 33.74
CA ASP B 250 11.19 -9.48 35.09
C ASP B 250 10.29 -10.73 35.07
N GLU B 251 10.09 -11.35 33.87
CA GLU B 251 9.27 -12.54 33.58
C GLU B 251 7.79 -12.38 33.98
N GLU B 252 7.34 -11.14 34.25
CA GLU B 252 5.96 -10.81 34.59
C GLU B 252 5.03 -10.96 33.36
N LYS B 253 5.62 -10.87 32.14
CA LYS B 253 4.96 -10.97 30.83
C LYS B 253 5.94 -11.55 29.78
N THR B 254 5.44 -11.83 28.56
CA THR B 254 6.23 -12.33 27.42
C THR B 254 6.01 -11.41 26.21
N ILE B 255 6.90 -11.50 25.17
CA ILE B 255 6.76 -10.68 23.97
C ILE B 255 5.46 -11.03 23.20
N GLU B 256 5.05 -12.33 23.25
CA GLU B 256 3.81 -12.82 22.62
C GLU B 256 2.57 -12.10 23.16
N ASP B 257 2.58 -11.70 24.43
CA ASP B 257 1.47 -10.98 25.06
C ASP B 257 1.36 -9.53 24.55
N TYR B 258 2.43 -9.02 23.89
CA TYR B 258 2.49 -7.63 23.42
C TYR B 258 2.50 -7.46 21.90
N ILE B 259 2.60 -8.56 21.13
CA ILE B 259 2.58 -8.53 19.65
C ILE B 259 1.34 -7.75 19.19
N ASP B 260 1.52 -6.80 18.26
CA ASP B 260 0.43 -6.01 17.72
C ASP B 260 -0.69 -6.97 17.22
N LYS B 261 -1.94 -6.80 17.73
CA LYS B 261 -3.10 -7.60 17.34
C LYS B 261 -3.64 -7.18 15.97
N LYS B 262 -3.20 -6.01 15.47
CA LYS B 262 -3.57 -5.47 14.17
C LYS B 262 -2.82 -6.13 13.01
N MET B 263 -2.27 -7.32 13.20
CA MET B 263 -1.65 -8.06 12.11
C MET B 263 -2.02 -9.56 12.20
N ASN B 264 -2.02 -10.24 11.04
CA ASN B 264 -2.41 -11.64 10.94
C ASN B 264 -1.28 -12.55 10.44
N ASP B 265 -0.13 -11.96 10.04
CA ASP B 265 1.00 -12.68 9.45
C ASP B 265 2.25 -12.77 10.33
N ALA B 266 2.13 -12.43 11.61
CA ALA B 266 3.27 -12.51 12.50
C ALA B 266 3.48 -13.95 12.93
N ASP B 267 4.72 -14.41 12.91
CA ASP B 267 5.06 -15.75 13.37
C ASP B 267 6.00 -15.59 14.56
N SER B 268 5.85 -16.44 15.58
CA SER B 268 6.63 -16.39 16.82
C SER B 268 8.14 -16.41 16.61
N THR B 269 8.64 -17.20 15.63
CA THR B 269 10.08 -17.30 15.33
C THR B 269 10.68 -15.96 14.91
N SER B 270 10.13 -15.31 13.86
CA SER B 270 10.67 -14.04 13.39
C SER B 270 10.39 -12.90 14.40
N VAL B 271 9.25 -12.96 15.13
CA VAL B 271 8.94 -11.95 16.16
C VAL B 271 9.96 -12.03 17.31
N GLU B 272 10.26 -13.25 17.80
CA GLU B 272 11.25 -13.47 18.85
C GLU B 272 12.64 -13.01 18.38
N ALA B 273 12.96 -13.25 17.09
CA ALA B 273 14.24 -12.83 16.47
C ALA B 273 14.34 -11.31 16.44
N MET B 274 13.24 -10.58 16.09
CA MET B 274 13.28 -9.12 16.11
C MET B 274 13.39 -8.61 17.54
N TYR B 275 12.67 -9.26 18.50
CA TYR B 275 12.72 -8.88 19.92
C TYR B 275 14.12 -9.06 20.50
N SER B 276 14.83 -10.13 20.09
CA SER B 276 16.20 -10.41 20.50
C SER B 276 17.15 -9.28 20.05
N VAL B 277 16.97 -8.76 18.80
CA VAL B 277 17.76 -7.64 18.27
C VAL B 277 17.46 -6.42 19.15
N ALA B 278 16.14 -6.13 19.39
CA ALA B 278 15.73 -4.99 20.23
C ALA B 278 16.29 -5.05 21.65
N SER B 279 16.24 -6.23 22.33
CA SER B 279 16.77 -6.36 23.69
C SER B 279 18.28 -6.11 23.74
N GLN B 280 19.03 -6.62 22.74
CA GLN B 280 20.47 -6.39 22.59
C GLN B 280 20.76 -4.89 22.41
N CYS B 281 19.93 -4.19 21.59
CA CYS B 281 20.04 -2.74 21.37
C CYS B 281 19.78 -1.97 22.63
N LEU B 282 18.93 -2.54 23.52
CA LEU B 282 18.49 -1.84 24.72
C LEU B 282 19.31 -2.13 26.00
N HIS B 283 20.51 -2.75 25.87
CA HIS B 283 21.40 -2.93 27.03
C HIS B 283 21.65 -1.55 27.66
N GLU B 284 21.56 -1.49 28.99
CA GLU B 284 21.76 -0.28 29.79
C GLU B 284 23.20 0.22 29.62
N LYS B 285 24.17 -0.73 29.58
CA LYS B 285 25.60 -0.47 29.37
C LYS B 285 25.89 -0.36 27.88
N LYS B 286 26.17 0.88 27.42
CA LYS B 286 26.45 1.29 26.03
C LYS B 286 27.40 0.35 25.28
N ASN B 287 28.43 -0.15 25.94
CA ASN B 287 29.45 -1.00 25.34
C ASN B 287 28.97 -2.44 25.10
N LYS B 288 27.86 -2.85 25.74
CA LYS B 288 27.27 -4.19 25.56
C LYS B 288 26.36 -4.23 24.31
N ARG B 289 25.90 -3.06 23.84
CA ARG B 289 25.04 -2.94 22.66
C ARG B 289 25.80 -3.30 21.38
N PRO B 290 25.14 -3.95 20.37
CA PRO B 290 25.85 -4.23 19.11
C PRO B 290 26.01 -2.97 18.28
N ASP B 291 26.97 -3.00 17.34
CA ASP B 291 27.18 -1.90 16.39
C ASP B 291 26.08 -2.02 15.31
N ILE B 292 25.87 -0.94 14.53
CA ILE B 292 24.83 -0.92 13.50
C ILE B 292 25.01 -2.01 12.43
N LYS B 293 26.26 -2.37 12.07
CA LYS B 293 26.52 -3.43 11.08
C LYS B 293 26.02 -4.78 11.60
N LYS B 294 26.15 -5.05 12.92
CA LYS B 294 25.64 -6.26 13.55
C LYS B 294 24.09 -6.27 13.57
N VAL B 295 23.46 -5.11 13.87
CA VAL B 295 22.00 -4.96 13.89
C VAL B 295 21.47 -5.32 12.48
N GLN B 296 22.07 -4.70 11.46
CA GLN B 296 21.80 -4.89 10.02
C GLN B 296 21.89 -6.38 9.65
N GLN B 297 22.96 -7.07 10.13
CA GLN B 297 23.21 -8.50 9.89
C GLN B 297 22.15 -9.37 10.55
N LEU B 298 21.78 -9.06 11.81
CA LEU B 298 20.77 -9.81 12.56
C LEU B 298 19.37 -9.68 11.94
N LEU B 299 19.02 -8.46 11.47
CA LEU B 299 17.72 -8.21 10.82
C LEU B 299 17.63 -8.95 9.47
N GLN B 300 18.77 -9.14 8.78
CA GLN B 300 18.85 -9.86 7.51
C GLN B 300 18.67 -11.36 7.76
N GLU B 301 19.28 -11.91 8.84
CA GLU B 301 19.16 -13.32 9.21
C GLU B 301 17.72 -13.69 9.58
N MET B 302 16.99 -12.74 10.18
CA MET B 302 15.59 -12.84 10.62
C MET B 302 14.65 -13.28 9.50
N THR B 303 14.83 -12.73 8.28
CA THR B 303 14.00 -13.05 7.11
C THR B 303 14.61 -14.16 6.23
N ALA B 304 13.78 -14.78 5.37
CA ALA B 304 14.18 -15.85 4.43
C ALA B 304 13.18 -16.00 3.28
N ASP C 7 -37.24 -27.46 17.36
CA ASP C 7 -38.20 -27.03 16.32
C ASP C 7 -38.22 -25.49 16.16
N THR C 8 -39.43 -24.92 15.91
CA THR C 8 -39.79 -23.49 15.76
C THR C 8 -39.30 -22.83 14.44
N ARG C 9 -39.06 -23.62 13.36
CA ARG C 9 -38.65 -23.20 12.00
C ARG C 9 -37.11 -23.06 11.78
N PHE C 10 -36.32 -23.83 12.52
CA PHE C 10 -34.86 -23.85 12.37
C PHE C 10 -34.45 -25.28 12.04
N HIS C 11 -33.25 -25.48 11.48
CA HIS C 11 -32.79 -26.83 11.16
C HIS C 11 -32.19 -27.49 12.41
N SER C 12 -32.61 -28.73 12.70
CA SER C 12 -32.04 -29.44 13.85
C SER C 12 -30.84 -30.25 13.37
N PHE C 13 -29.66 -29.90 13.84
CA PHE C 13 -28.42 -30.56 13.47
C PHE C 13 -28.05 -31.58 14.51
N SER C 14 -27.34 -32.62 14.07
CA SER C 14 -26.74 -33.66 14.91
C SER C 14 -25.43 -33.04 15.43
N PHE C 15 -24.99 -33.41 16.62
CA PHE C 15 -23.74 -32.90 17.15
C PHE C 15 -22.52 -33.32 16.31
N TYR C 16 -22.52 -34.58 15.82
CA TYR C 16 -21.43 -35.12 15.00
C TYR C 16 -21.41 -34.48 13.61
N GLU C 17 -22.58 -34.08 13.08
CA GLU C 17 -22.66 -33.36 11.81
C GLU C 17 -21.89 -32.03 12.00
N LEU C 18 -22.04 -31.36 13.17
CA LEU C 18 -21.37 -30.10 13.46
C LEU C 18 -19.88 -30.24 13.69
N LYS C 19 -19.41 -31.45 14.09
CA LYS C 19 -17.99 -31.76 14.20
C LYS C 19 -17.42 -31.84 12.77
N ASN C 20 -18.21 -32.39 11.84
CA ASN C 20 -17.78 -32.49 10.44
C ASN C 20 -17.85 -31.13 9.68
N VAL C 21 -18.60 -30.13 10.17
CA VAL C 21 -18.64 -28.84 9.47
C VAL C 21 -17.53 -27.91 10.01
N THR C 22 -17.06 -28.14 11.24
CA THR C 22 -16.06 -27.28 11.90
C THR C 22 -14.66 -27.92 12.07
N ASN C 23 -14.33 -28.95 11.26
CA ASN C 23 -13.03 -29.63 11.32
C ASN C 23 -12.75 -30.11 12.75
N ASN C 24 -13.72 -30.86 13.31
CA ASN C 24 -13.77 -31.42 14.65
C ASN C 24 -13.58 -30.34 15.74
N PHE C 25 -14.33 -29.22 15.62
CA PHE C 25 -14.27 -28.06 16.53
C PHE C 25 -12.81 -27.63 16.79
N ASP C 26 -12.07 -27.32 15.71
CA ASP C 26 -10.66 -26.91 15.75
C ASP C 26 -10.47 -25.61 16.53
N GLU C 27 -9.78 -25.69 17.69
CA GLU C 27 -9.54 -24.59 18.61
C GLU C 27 -8.50 -23.56 18.18
N ARG C 28 -7.72 -23.83 17.12
CA ARG C 28 -6.73 -22.86 16.64
C ARG C 28 -7.44 -21.67 15.97
N PRO C 29 -6.90 -20.42 16.06
CA PRO C 29 -7.60 -19.27 15.42
C PRO C 29 -7.66 -19.37 13.89
N ILE C 30 -8.70 -18.77 13.28
CA ILE C 30 -8.89 -18.72 11.82
C ILE C 30 -7.73 -17.99 11.14
N SER C 31 -7.12 -16.99 11.84
CA SER C 31 -5.97 -16.22 11.36
C SER C 31 -4.70 -17.07 11.13
N VAL C 32 -4.63 -18.25 11.77
CA VAL C 32 -3.51 -19.18 11.69
C VAL C 32 -3.93 -20.53 11.05
N GLY C 33 -5.09 -20.54 10.38
CA GLY C 33 -5.61 -21.71 9.68
C GLY C 33 -6.52 -22.66 10.45
N GLY C 34 -6.89 -22.29 11.69
CA GLY C 34 -7.80 -23.08 12.51
C GLY C 34 -9.27 -22.72 12.27
N ASN C 35 -10.16 -23.09 13.21
CA ASN C 35 -11.59 -22.80 13.05
C ASN C 35 -12.16 -21.80 14.06
N LYS C 36 -11.42 -21.53 15.15
CA LYS C 36 -11.87 -20.63 16.20
C LYS C 36 -11.94 -19.17 15.73
N MET C 37 -13.08 -18.53 15.98
CA MET C 37 -13.31 -17.15 15.58
C MET C 37 -13.39 -16.19 16.76
N GLY C 38 -13.80 -16.70 17.91
CA GLY C 38 -13.94 -15.90 19.12
C GLY C 38 -14.55 -16.67 20.27
N GLU C 39 -14.66 -16.00 21.42
CA GLU C 39 -15.22 -16.56 22.65
C GLU C 39 -15.77 -15.48 23.58
N GLY C 40 -16.69 -15.90 24.42
CA GLY C 40 -17.35 -15.10 25.45
C GLY C 40 -17.50 -15.91 26.72
N GLY C 41 -18.35 -15.42 27.62
CA GLY C 41 -18.61 -16.06 28.90
C GLY C 41 -19.46 -17.31 28.81
N PHE C 42 -20.14 -17.53 27.68
CA PHE C 42 -21.04 -18.67 27.53
C PHE C 42 -20.66 -19.65 26.41
N GLY C 43 -19.53 -19.43 25.74
CA GLY C 43 -19.10 -20.33 24.67
C GLY C 43 -18.05 -19.82 23.72
N VAL C 44 -17.67 -20.69 22.78
CA VAL C 44 -16.65 -20.44 21.75
C VAL C 44 -17.32 -20.53 20.39
N VAL C 45 -16.99 -19.60 19.46
CA VAL C 45 -17.55 -19.53 18.12
C VAL C 45 -16.58 -20.08 17.11
N TYR C 46 -17.03 -21.07 16.32
CA TYR C 46 -16.25 -21.77 15.29
C TYR C 46 -16.77 -21.51 13.89
N LYS C 47 -15.88 -21.45 12.92
CA LYS C 47 -16.23 -21.28 11.52
C LYS C 47 -16.54 -22.69 10.94
N GLY C 48 -17.55 -22.75 10.10
CA GLY C 48 -17.94 -23.99 9.42
C GLY C 48 -18.40 -23.81 8.00
N TYR C 49 -18.65 -24.93 7.30
CA TYR C 49 -19.18 -24.95 5.94
C TYR C 49 -20.32 -25.95 5.82
N VAL C 50 -21.53 -25.47 5.52
CA VAL C 50 -22.72 -26.30 5.35
C VAL C 50 -23.18 -26.06 3.91
N ASN C 51 -22.98 -27.05 3.04
CA ASN C 51 -23.36 -26.99 1.61
C ASN C 51 -22.96 -25.65 0.96
N ASN C 52 -21.63 -25.40 0.91
CA ASN C 52 -20.99 -24.21 0.34
C ASN C 52 -21.34 -22.90 1.10
N THR C 53 -22.27 -22.93 2.07
CA THR C 53 -22.61 -21.77 2.89
C THR C 53 -21.65 -21.76 4.09
N THR C 54 -21.04 -20.62 4.36
CA THR C 54 -20.19 -20.48 5.53
C THR C 54 -21.10 -20.18 6.73
N VAL C 55 -20.82 -20.83 7.87
CA VAL C 55 -21.62 -20.65 9.08
C VAL C 55 -20.76 -20.35 10.28
N ALA C 56 -21.38 -19.84 11.36
CA ALA C 56 -20.76 -19.59 12.65
C ALA C 56 -21.44 -20.58 13.61
N VAL C 57 -20.67 -21.41 14.28
CA VAL C 57 -21.19 -22.40 15.23
C VAL C 57 -20.74 -22.02 16.65
N LYS C 58 -21.69 -21.62 17.49
CA LYS C 58 -21.41 -21.30 18.88
C LYS C 58 -21.62 -22.56 19.71
N LYS C 59 -20.53 -23.13 20.25
CA LYS C 59 -20.58 -24.30 21.12
C LYS C 59 -20.67 -23.73 22.55
N LEU C 60 -21.81 -23.92 23.22
CA LEU C 60 -22.04 -23.39 24.57
C LEU C 60 -21.18 -24.09 25.61
N ALA C 61 -20.59 -23.30 26.54
CA ALA C 61 -19.71 -23.82 27.60
C ALA C 61 -19.70 -22.93 28.84
N ALA C 62 -19.40 -23.55 30.01
CA ALA C 62 -19.27 -22.85 31.29
C ALA C 62 -17.87 -22.21 31.31
N MET C 63 -17.81 -20.89 31.04
CA MET C 63 -16.57 -20.13 30.99
C MET C 63 -16.41 -19.19 32.19
N VAL C 64 -17.45 -18.38 32.49
CA VAL C 64 -17.43 -17.42 33.59
C VAL C 64 -18.39 -17.78 34.76
N ASP C 65 -18.15 -18.94 35.41
CA ASP C 65 -18.90 -19.49 36.56
C ASP C 65 -20.44 -19.47 36.35
N ILE C 66 -20.95 -20.46 35.60
CA ILE C 66 -22.37 -20.66 35.25
C ILE C 66 -22.69 -22.17 35.37
N THR C 67 -23.92 -22.52 35.81
CA THR C 67 -24.39 -23.89 35.93
C THR C 67 -24.92 -24.42 34.58
N THR C 68 -24.98 -25.78 34.43
CA THR C 68 -25.47 -26.46 33.23
C THR C 68 -26.93 -26.11 32.92
N GLU C 69 -27.77 -25.98 33.96
CA GLU C 69 -29.18 -25.61 33.83
C GLU C 69 -29.34 -24.14 33.41
N GLU C 70 -28.40 -23.26 33.83
CA GLU C 70 -28.43 -21.84 33.45
C GLU C 70 -28.07 -21.71 31.97
N LEU C 71 -27.07 -22.52 31.50
CA LEU C 71 -26.64 -22.58 30.10
C LEU C 71 -27.81 -23.00 29.22
N LYS C 72 -28.55 -24.06 29.67
CA LYS C 72 -29.73 -24.59 28.99
C LYS C 72 -30.83 -23.54 28.87
N GLN C 73 -31.04 -22.74 29.93
CA GLN C 73 -32.03 -21.67 29.97
C GLN C 73 -31.67 -20.57 28.96
N GLN C 74 -30.38 -20.24 28.83
CA GLN C 74 -29.88 -19.23 27.89
C GLN C 74 -30.03 -19.72 26.44
N PHE C 75 -29.74 -21.02 26.19
CA PHE C 75 -29.88 -21.71 24.90
C PHE C 75 -31.34 -21.64 24.46
N ASP C 76 -32.28 -22.03 25.37
CA ASP C 76 -33.73 -22.00 25.12
C ASP C 76 -34.22 -20.58 24.89
N GLN C 77 -33.70 -19.61 25.66
CA GLN C 77 -34.09 -18.20 25.54
C GLN C 77 -33.71 -17.64 24.17
N GLU C 78 -32.49 -17.96 23.69
CA GLU C 78 -31.99 -17.54 22.38
C GLU C 78 -32.92 -18.07 21.28
N ILE C 79 -33.28 -19.36 21.33
CA ILE C 79 -34.18 -19.99 20.34
C ILE C 79 -35.57 -19.36 20.35
N LYS C 80 -36.13 -19.08 21.55
CA LYS C 80 -37.44 -18.44 21.72
C LYS C 80 -37.47 -17.03 21.12
N VAL C 81 -36.45 -16.21 21.42
CA VAL C 81 -36.34 -14.84 20.91
C VAL C 81 -36.16 -14.84 19.38
N MET C 82 -35.31 -15.78 18.87
CA MET C 82 -35.01 -15.89 17.45
C MET C 82 -36.22 -16.34 16.65
N ALA C 83 -37.07 -17.22 17.23
CA ALA C 83 -38.30 -17.68 16.58
C ALA C 83 -39.30 -16.53 16.44
N LYS C 84 -39.33 -15.63 17.44
CA LYS C 84 -40.24 -14.47 17.43
C LYS C 84 -39.73 -13.27 16.67
N CYS C 85 -38.41 -12.99 16.71
CA CYS C 85 -37.85 -11.78 16.10
C CYS C 85 -36.94 -12.03 14.87
N GLN C 86 -37.38 -11.54 13.71
CA GLN C 86 -36.65 -11.55 12.44
C GLN C 86 -36.62 -10.12 11.93
N HIS C 87 -35.43 -9.59 11.69
CA HIS C 87 -35.24 -8.22 11.25
C HIS C 87 -33.87 -8.14 10.60
N GLU C 88 -33.71 -7.22 9.62
CA GLU C 88 -32.44 -7.01 8.92
C GLU C 88 -31.28 -6.62 9.85
N ASN C 89 -31.59 -6.07 11.04
CA ASN C 89 -30.58 -5.67 11.99
C ASN C 89 -30.43 -6.60 13.18
N LEU C 90 -30.85 -7.86 13.02
CA LEU C 90 -30.75 -8.90 14.04
C LEU C 90 -30.07 -10.09 13.35
N VAL C 91 -29.17 -10.81 14.03
CA VAL C 91 -28.54 -12.00 13.45
C VAL C 91 -29.62 -13.04 13.15
N GLU C 92 -29.40 -13.90 12.17
CA GLU C 92 -30.33 -14.96 11.81
C GLU C 92 -29.81 -16.30 12.33
N LEU C 93 -30.64 -16.97 13.12
CA LEU C 93 -30.33 -18.31 13.62
C LEU C 93 -30.72 -19.31 12.50
N LEU C 94 -29.79 -20.18 12.10
CA LEU C 94 -30.05 -21.16 11.03
C LEU C 94 -30.51 -22.46 11.62
N GLY C 95 -29.97 -22.80 12.77
CA GLY C 95 -30.31 -24.04 13.43
C GLY C 95 -29.59 -24.20 14.74
N PHE C 96 -29.66 -25.39 15.29
CA PHE C 96 -29.11 -25.72 16.59
C PHE C 96 -28.90 -27.22 16.70
N SER C 97 -28.21 -27.61 17.77
CA SER C 97 -27.93 -28.99 18.13
C SER C 97 -28.14 -29.11 19.65
N SER C 98 -28.89 -30.14 20.10
CA SER C 98 -29.11 -30.39 21.53
C SER C 98 -29.15 -31.89 21.89
N ASP C 99 -28.58 -32.75 21.03
CA ASP C 99 -28.56 -34.19 21.26
C ASP C 99 -27.23 -34.74 21.78
N GLY C 100 -26.11 -34.19 21.29
CA GLY C 100 -24.77 -34.65 21.66
C GLY C 100 -24.24 -34.12 22.98
N ASP C 101 -22.90 -34.04 23.08
CA ASP C 101 -22.18 -33.57 24.28
C ASP C 101 -22.58 -32.13 24.68
N ASP C 102 -22.36 -31.15 23.78
CA ASP C 102 -22.69 -29.75 24.08
C ASP C 102 -23.77 -29.13 23.18
N LEU C 103 -24.45 -28.13 23.71
CA LEU C 103 -25.46 -27.32 23.07
C LEU C 103 -24.78 -26.40 22.05
N CYS C 104 -25.33 -26.34 20.83
CA CYS C 104 -24.78 -25.52 19.75
C CYS C 104 -25.86 -24.67 19.11
N LEU C 105 -25.47 -23.49 18.65
CA LEU C 105 -26.35 -22.59 17.92
C LEU C 105 -25.62 -22.30 16.62
N VAL C 106 -26.32 -22.40 15.50
CA VAL C 106 -25.74 -22.23 14.17
C VAL C 106 -26.27 -20.96 13.53
N TYR C 107 -25.37 -20.07 13.05
CA TYR C 107 -25.77 -18.81 12.44
C TYR C 107 -25.12 -18.61 11.11
N VAL C 108 -25.60 -17.60 10.37
CA VAL C 108 -25.00 -17.16 9.12
C VAL C 108 -23.64 -16.56 9.53
N TYR C 109 -22.57 -16.92 8.82
CA TYR C 109 -21.23 -16.40 9.06
C TYR C 109 -21.20 -14.91 8.73
N MET C 110 -20.61 -14.10 9.63
CA MET C 110 -20.52 -12.65 9.51
C MET C 110 -19.14 -12.27 8.97
N PRO C 111 -19.03 -11.95 7.66
CA PRO C 111 -17.69 -11.66 7.08
C PRO C 111 -16.88 -10.55 7.76
N ASN C 112 -17.52 -9.62 8.50
CA ASN C 112 -16.74 -8.56 9.15
C ASN C 112 -16.76 -8.64 10.66
N GLY C 113 -17.10 -9.83 11.17
CA GLY C 113 -17.08 -10.14 12.59
C GLY C 113 -17.82 -9.15 13.46
N SER C 114 -17.21 -8.77 14.61
CA SER C 114 -17.84 -7.85 15.55
C SER C 114 -17.36 -6.44 15.38
N LEU C 115 -18.20 -5.49 15.79
CA LEU C 115 -17.89 -4.07 15.78
C LEU C 115 -16.70 -3.80 16.69
N LEU C 116 -16.61 -4.51 17.84
CA LEU C 116 -15.51 -4.35 18.80
C LEU C 116 -14.17 -4.61 18.10
N ASP C 117 -14.06 -5.77 17.44
CA ASP C 117 -12.88 -6.18 16.68
C ASP C 117 -12.58 -5.24 15.51
N ARG C 118 -13.62 -4.70 14.82
CA ARG C 118 -13.38 -3.80 13.69
C ARG C 118 -12.90 -2.42 14.15
N LEU C 119 -13.38 -1.94 15.32
CA LEU C 119 -12.94 -0.66 15.88
C LEU C 119 -11.49 -0.77 16.36
N SER C 120 -11.05 -1.98 16.76
CA SER C 120 -9.67 -2.15 17.18
C SER C 120 -8.76 -2.63 16.03
N CYS C 121 -9.30 -2.83 14.79
CA CYS C 121 -8.58 -3.31 13.59
C CYS C 121 -7.91 -4.67 13.84
N LEU C 122 -8.56 -5.52 14.66
CA LEU C 122 -8.04 -6.85 14.97
C LEU C 122 -7.82 -7.63 13.66
N ASP C 123 -6.69 -8.35 13.57
CA ASP C 123 -6.30 -9.19 12.44
C ASP C 123 -5.96 -8.40 11.17
N GLY C 124 -5.65 -7.12 11.33
CA GLY C 124 -5.20 -6.26 10.24
C GLY C 124 -6.26 -5.66 9.37
N THR C 125 -7.54 -5.71 9.77
CA THR C 125 -8.61 -5.13 8.96
C THR C 125 -8.45 -3.59 8.89
N PRO C 126 -8.81 -2.90 7.80
CA PRO C 126 -8.65 -1.43 7.78
C PRO C 126 -9.62 -0.68 8.70
N PRO C 127 -9.26 0.52 9.20
CA PRO C 127 -10.22 1.25 10.08
C PRO C 127 -11.55 1.56 9.42
N LEU C 128 -12.63 1.61 10.21
CA LEU C 128 -13.95 1.93 9.68
C LEU C 128 -14.03 3.44 9.50
N SER C 129 -14.53 3.90 8.35
CA SER C 129 -14.66 5.32 8.07
C SER C 129 -15.80 5.87 8.91
N TRP C 130 -15.91 7.19 9.04
CA TRP C 130 -17.02 7.82 9.74
C TRP C 130 -18.35 7.50 9.11
N HIS C 131 -18.40 7.44 7.77
CA HIS C 131 -19.57 7.11 6.98
C HIS C 131 -20.09 5.71 7.35
N MET C 132 -19.18 4.70 7.46
CA MET C 132 -19.56 3.35 7.83
C MET C 132 -20.05 3.32 9.28
N ARG C 133 -19.40 4.09 10.16
CA ARG C 133 -19.75 4.16 11.59
C ARG C 133 -21.17 4.70 11.79
N CYS C 134 -21.58 5.70 10.98
CA CYS C 134 -22.93 6.28 11.03
C CYS C 134 -23.98 5.28 10.62
N LYS C 135 -23.73 4.49 9.56
CA LYS C 135 -24.67 3.47 9.10
C LYS C 135 -24.80 2.36 10.15
N ILE C 136 -23.68 1.98 10.79
CA ILE C 136 -23.66 0.94 11.82
C ILE C 136 -24.48 1.38 13.03
N ALA C 137 -24.30 2.64 13.46
CA ALA C 137 -25.04 3.20 14.60
C ALA C 137 -26.53 3.18 14.30
N GLN C 138 -26.93 3.60 13.08
CA GLN C 138 -28.35 3.58 12.68
C GLN C 138 -28.92 2.18 12.65
N GLY C 139 -28.21 1.24 12.03
CA GLY C 139 -28.67 -0.14 11.96
C GLY C 139 -28.83 -0.75 13.33
N ALA C 140 -27.87 -0.51 14.28
CA ALA C 140 -27.92 -1.04 15.64
C ALA C 140 -29.16 -0.48 16.39
N ALA C 141 -29.45 0.85 16.21
CA ALA C 141 -30.62 1.53 16.79
C ALA C 141 -31.92 0.91 16.24
N ASN C 142 -31.97 0.54 14.94
CA ASN C 142 -33.12 -0.09 14.31
C ASN C 142 -33.33 -1.51 14.88
N GLY C 143 -32.24 -2.22 15.14
CA GLY C 143 -32.30 -3.54 15.74
C GLY C 143 -32.90 -3.52 17.13
N ILE C 144 -32.39 -2.62 17.99
CA ILE C 144 -32.86 -2.43 19.37
C ILE C 144 -34.34 -1.98 19.33
N ASN C 145 -34.69 -1.03 18.44
CA ASN C 145 -36.07 -0.59 18.28
C ASN C 145 -37.02 -1.74 17.99
N PHE C 146 -36.64 -2.64 17.08
CA PHE C 146 -37.45 -3.80 16.74
C PHE C 146 -37.66 -4.69 17.97
N LEU C 147 -36.58 -4.95 18.74
CA LEU C 147 -36.64 -5.79 19.94
C LEU C 147 -37.58 -5.20 20.98
N HIS C 148 -37.50 -3.88 21.22
CA HIS C 148 -38.33 -3.16 22.19
C HIS C 148 -39.80 -3.13 21.76
N GLU C 149 -40.08 -2.97 20.43
CA GLU C 149 -41.42 -2.98 19.85
C GLU C 149 -42.05 -4.36 20.04
N ASN C 150 -41.21 -5.40 20.12
CA ASN C 150 -41.64 -6.77 20.32
C ASN C 150 -41.50 -7.18 21.78
N HIS C 151 -41.49 -6.17 22.68
CA HIS C 151 -41.46 -6.28 24.15
C HIS C 151 -40.32 -7.16 24.71
N HIS C 152 -39.12 -7.02 24.15
CA HIS C 152 -37.93 -7.73 24.62
C HIS C 152 -36.86 -6.76 25.04
N ILE C 153 -36.18 -7.07 26.15
CA ILE C 153 -35.05 -6.30 26.67
C ILE C 153 -33.81 -7.18 26.40
N HIS C 154 -32.81 -6.63 25.70
CA HIS C 154 -31.62 -7.37 25.32
C HIS C 154 -30.78 -7.75 26.54
N ARG C 155 -30.43 -6.74 27.38
CA ARG C 155 -29.65 -6.85 28.64
C ARG C 155 -28.13 -7.03 28.43
N ASP C 156 -27.62 -7.09 27.20
CA ASP C 156 -26.18 -7.23 26.99
C ASP C 156 -25.71 -6.48 25.72
N ILE C 157 -26.25 -5.26 25.52
CA ILE C 157 -25.87 -4.41 24.39
C ILE C 157 -24.44 -3.94 24.63
N LYS C 158 -23.56 -4.31 23.69
CA LYS C 158 -22.15 -3.96 23.67
C LYS C 158 -21.62 -4.18 22.26
N SER C 159 -20.54 -3.45 21.88
CA SER C 159 -19.94 -3.57 20.55
C SER C 159 -19.53 -5.01 20.19
N ALA C 160 -19.14 -5.85 21.16
CA ALA C 160 -18.84 -7.26 20.88
C ALA C 160 -20.10 -8.04 20.40
N ASN C 161 -21.31 -7.52 20.72
CA ASN C 161 -22.58 -8.14 20.36
C ASN C 161 -23.23 -7.51 19.14
N ILE C 162 -22.53 -6.56 18.50
CA ILE C 162 -22.99 -5.96 17.26
C ILE C 162 -22.08 -6.52 16.17
N LEU C 163 -22.64 -7.39 15.36
CA LEU C 163 -21.92 -8.05 14.29
C LEU C 163 -22.11 -7.34 12.97
N LEU C 164 -21.18 -7.58 12.06
CA LEU C 164 -21.12 -6.90 10.75
C LEU C 164 -21.11 -7.89 9.57
N ASP C 165 -22.14 -7.81 8.72
CA ASP C 165 -22.26 -8.70 7.58
C ASP C 165 -21.39 -8.23 6.38
N GLU C 166 -21.60 -8.86 5.22
CA GLU C 166 -20.82 -8.59 4.01
C GLU C 166 -20.95 -7.16 3.49
N ALA C 167 -21.91 -6.38 4.00
CA ALA C 167 -22.11 -4.98 3.59
C ALA C 167 -21.87 -4.05 4.77
N PHE C 168 -21.28 -4.57 5.87
CA PHE C 168 -21.08 -3.84 7.16
C PHE C 168 -22.42 -3.36 7.73
N THR C 169 -23.48 -4.20 7.56
CA THR C 169 -24.80 -3.96 8.10
C THR C 169 -24.71 -4.48 9.53
N ALA C 170 -25.15 -3.65 10.50
CA ALA C 170 -25.14 -4.00 11.93
C ALA C 170 -26.17 -5.07 12.21
N LYS C 171 -25.77 -6.11 12.95
CA LYS C 171 -26.68 -7.17 13.34
C LYS C 171 -26.49 -7.50 14.80
N ILE C 172 -27.52 -7.20 15.62
CA ILE C 172 -27.52 -7.47 17.07
C ILE C 172 -27.47 -9.00 17.29
N SER C 173 -26.63 -9.45 18.21
CA SER C 173 -26.52 -10.86 18.53
C SER C 173 -26.59 -11.09 20.05
N ASP C 174 -26.55 -12.36 20.45
CA ASP C 174 -26.53 -12.86 21.82
C ASP C 174 -27.78 -12.48 22.61
N PHE C 175 -28.83 -13.31 22.48
CA PHE C 175 -30.12 -13.10 23.11
C PHE C 175 -30.38 -14.05 24.31
N GLY C 176 -29.33 -14.72 24.77
CA GLY C 176 -29.40 -15.68 25.88
C GLY C 176 -29.91 -15.09 27.19
N LEU C 177 -29.65 -13.76 27.43
CA LEU C 177 -30.08 -13.03 28.63
C LEU C 177 -31.30 -12.13 28.36
N ALA C 178 -31.88 -12.21 27.15
CA ALA C 178 -33.03 -11.36 26.81
C ALA C 178 -34.26 -11.70 27.68
N ARG C 179 -35.01 -10.65 28.06
CA ARG C 179 -36.21 -10.80 28.89
C ARG C 179 -37.41 -10.18 28.20
N ALA C 180 -38.54 -10.91 28.21
CA ALA C 180 -39.80 -10.47 27.63
C ALA C 180 -40.59 -9.70 28.68
N GLN C 186 -38.69 0.77 34.40
CA GLN C 186 -38.78 1.26 35.78
C GLN C 186 -39.46 0.27 36.74
N THR C 187 -39.23 -1.05 36.53
CA THR C 187 -39.82 -2.15 37.31
C THR C 187 -38.90 -3.38 37.24
N VAL C 188 -39.30 -4.52 37.88
CA VAL C 188 -38.63 -5.83 37.91
C VAL C 188 -37.17 -5.79 38.42
N MET C 189 -36.92 -6.46 39.55
CA MET C 189 -35.59 -6.59 40.12
C MET C 189 -35.19 -8.05 40.12
N TPO C 190 -33.91 -8.33 39.84
CA TPO C 190 -33.36 -9.69 39.80
CB TPO C 190 -32.81 -10.11 38.38
CG2 TPO C 190 -31.62 -9.24 37.86
OG1 TPO C 190 -32.34 -11.49 38.39
P TPO C 190 -33.31 -12.67 38.05
O1P TPO C 190 -34.63 -12.23 37.41
O2P TPO C 190 -33.58 -13.44 39.35
O3P TPO C 190 -32.58 -13.68 37.16
C TPO C 190 -32.30 -9.86 40.90
O TPO C 190 -31.75 -8.86 41.37
N SEP C 191 -32.02 -11.10 41.29
CA SEP C 191 -31.02 -11.44 42.29
CB SEP C 191 -31.56 -12.50 43.25
OG SEP C 191 -31.67 -13.77 42.58
C SEP C 191 -29.70 -11.85 41.61
O SEP C 191 -28.66 -11.82 42.27
P SEP C 191 -32.74 -14.73 43.16
O1P SEP C 191 -34.14 -14.05 43.12
O2P SEP C 191 -32.34 -15.15 44.61
O3P SEP C 191 -32.79 -16.00 42.27
N ARG C 192 -29.75 -12.24 40.32
CA ARG C 192 -28.58 -12.62 39.53
C ARG C 192 -28.25 -11.50 38.53
N ILE C 193 -27.30 -10.61 38.92
CA ILE C 193 -26.87 -9.47 38.09
C ILE C 193 -25.95 -9.99 36.97
N VAL C 194 -26.41 -9.84 35.73
CA VAL C 194 -25.70 -10.29 34.52
C VAL C 194 -25.53 -9.13 33.55
N GLY C 195 -24.44 -9.18 32.79
CA GLY C 195 -24.06 -8.17 31.80
C GLY C 195 -22.60 -7.79 31.88
N THR C 196 -22.19 -6.79 31.07
CA THR C 196 -20.81 -6.30 31.02
C THR C 196 -20.75 -4.96 31.74
N THR C 197 -20.07 -4.92 32.92
CA THR C 197 -19.98 -3.76 33.83
C THR C 197 -19.72 -2.43 33.12
N ALA C 198 -18.72 -2.39 32.22
CA ALA C 198 -18.33 -1.18 31.48
C ALA C 198 -19.48 -0.56 30.64
N TYR C 199 -20.51 -1.36 30.30
CA TYR C 199 -21.64 -0.91 29.47
C TYR C 199 -22.93 -0.74 30.28
N MET C 200 -23.01 -1.36 31.46
CA MET C 200 -24.22 -1.40 32.28
C MET C 200 -24.62 -0.08 32.90
N ALA C 201 -25.94 0.21 32.82
CA ALA C 201 -26.56 1.39 33.43
C ALA C 201 -26.47 1.27 34.95
N PRO C 202 -26.44 2.39 35.72
CA PRO C 202 -26.33 2.27 37.18
C PRO C 202 -27.41 1.41 37.81
N GLU C 203 -28.68 1.53 37.38
CA GLU C 203 -29.79 0.72 37.94
C GLU C 203 -29.66 -0.78 37.63
N ALA C 204 -29.08 -1.15 36.44
CA ALA C 204 -28.85 -2.54 36.05
C ALA C 204 -27.80 -3.13 36.95
N LEU C 205 -26.81 -2.32 37.35
CA LEU C 205 -25.75 -2.76 38.26
C LEU C 205 -26.32 -3.03 39.67
N ARG C 206 -27.48 -2.40 40.02
CA ARG C 206 -28.22 -2.56 41.27
C ARG C 206 -29.32 -3.64 41.23
N GLY C 207 -29.53 -4.27 40.08
CA GLY C 207 -30.55 -5.33 39.98
C GLY C 207 -31.81 -5.03 39.20
N GLU C 208 -32.05 -3.76 38.80
CA GLU C 208 -33.26 -3.43 38.04
C GLU C 208 -33.16 -3.96 36.61
N ILE C 209 -34.30 -4.39 36.03
CA ILE C 209 -34.42 -4.89 34.65
C ILE C 209 -35.44 -3.97 33.96
N THR C 210 -34.96 -3.15 32.99
CA THR C 210 -35.81 -2.17 32.31
C THR C 210 -35.29 -1.91 30.89
N PRO C 211 -36.16 -1.62 29.90
CA PRO C 211 -35.67 -1.31 28.55
C PRO C 211 -34.79 -0.04 28.49
N LYS C 212 -34.87 0.82 29.52
CA LYS C 212 -34.07 2.04 29.63
C LYS C 212 -32.59 1.71 29.83
N SER C 213 -32.28 0.52 30.38
CA SER C 213 -30.89 0.10 30.58
C SER C 213 -30.21 -0.17 29.22
N ASP C 214 -30.98 -0.72 28.23
CA ASP C 214 -30.52 -0.99 26.85
C ASP C 214 -30.13 0.35 26.19
N ILE C 215 -30.87 1.43 26.49
CA ILE C 215 -30.61 2.78 25.97
C ILE C 215 -29.26 3.29 26.49
N TYR C 216 -28.99 3.07 27.78
CA TYR C 216 -27.75 3.52 28.41
C TYR C 216 -26.57 2.80 27.78
N SER C 217 -26.68 1.46 27.62
CA SER C 217 -25.66 0.63 27.01
C SER C 217 -25.37 1.05 25.57
N PHE C 218 -26.42 1.47 24.84
CA PHE C 218 -26.27 1.92 23.46
C PHE C 218 -25.50 3.24 23.42
N GLY C 219 -25.72 4.09 24.42
CA GLY C 219 -24.97 5.34 24.56
C GLY C 219 -23.49 5.08 24.72
N VAL C 220 -23.12 4.02 25.48
CA VAL C 220 -21.71 3.63 25.62
C VAL C 220 -21.13 3.22 24.25
N VAL C 221 -21.89 2.41 23.48
CA VAL C 221 -21.53 1.95 22.15
C VAL C 221 -21.28 3.17 21.23
N LEU C 222 -22.14 4.20 21.29
CA LEU C 222 -21.97 5.41 20.49
C LEU C 222 -20.66 6.10 20.80
N LEU C 223 -20.21 6.06 22.08
CA LEU C 223 -18.91 6.63 22.47
C LEU C 223 -17.75 5.79 21.91
N GLU C 224 -17.90 4.46 21.85
CA GLU C 224 -16.86 3.57 21.29
C GLU C 224 -16.74 3.83 19.79
N ILE C 225 -17.88 4.14 19.14
CA ILE C 225 -17.92 4.41 17.69
C ILE C 225 -17.19 5.74 17.38
N ILE C 226 -17.47 6.81 18.17
CA ILE C 226 -16.83 8.13 17.99
C ILE C 226 -15.31 8.10 18.23
N THR C 227 -14.90 7.46 19.31
CA THR C 227 -13.52 7.43 19.79
C THR C 227 -12.68 6.27 19.29
N GLY C 228 -13.28 5.14 18.93
CA GLY C 228 -12.50 3.98 18.56
C GLY C 228 -11.88 3.30 19.77
N LEU C 229 -12.25 3.76 20.98
CA LEU C 229 -11.74 3.22 22.23
C LEU C 229 -12.68 2.16 22.83
N PRO C 230 -12.18 1.00 23.33
CA PRO C 230 -13.10 0.05 24.01
C PRO C 230 -13.66 0.65 25.30
N ALA C 231 -14.87 0.25 25.71
CA ALA C 231 -15.57 0.76 26.91
C ALA C 231 -14.75 0.66 28.20
N VAL C 232 -13.92 -0.38 28.30
CA VAL C 232 -13.02 -0.62 29.42
C VAL C 232 -11.65 -1.05 28.89
N ASP C 233 -10.58 -0.50 29.48
CA ASP C 233 -9.21 -0.84 29.17
C ASP C 233 -8.39 -0.69 30.46
N GLU C 234 -7.97 -1.83 31.05
CA GLU C 234 -7.19 -1.88 32.30
C GLU C 234 -5.91 -1.09 32.22
N HIS C 235 -5.30 -0.97 31.02
CA HIS C 235 -4.05 -0.25 30.78
C HIS C 235 -4.25 1.14 30.14
N ARG C 236 -5.33 1.83 30.52
CA ARG C 236 -5.65 3.15 29.98
C ARG C 236 -6.10 4.14 31.08
N GLU C 237 -5.87 5.43 30.86
CA GLU C 237 -6.31 6.48 31.76
C GLU C 237 -7.21 7.43 30.95
N PRO C 238 -8.55 7.47 31.21
CA PRO C 238 -9.29 6.70 32.22
C PRO C 238 -9.58 5.28 31.75
N GLN C 239 -9.68 4.32 32.68
CA GLN C 239 -9.97 2.91 32.34
C GLN C 239 -11.35 2.77 31.69
N LEU C 240 -12.33 3.58 32.15
CA LEU C 240 -13.71 3.57 31.71
C LEU C 240 -14.02 4.71 30.77
N LEU C 241 -14.53 4.36 29.60
CA LEU C 241 -14.89 5.31 28.57
C LEU C 241 -15.95 6.34 29.00
N LEU C 242 -16.94 5.94 29.82
CA LEU C 242 -17.99 6.88 30.22
C LEU C 242 -17.44 8.00 31.11
N ASP C 243 -16.20 7.88 31.65
CA ASP C 243 -15.53 8.96 32.40
C ASP C 243 -15.25 10.19 31.49
N ILE C 244 -15.07 9.97 30.15
CA ILE C 244 -14.81 11.06 29.19
C ILE C 244 -16.02 12.00 29.11
N LYS C 245 -17.25 11.49 29.34
CA LYS C 245 -18.48 12.28 29.34
C LYS C 245 -18.41 13.33 30.46
N GLU C 246 -17.84 12.95 31.62
CA GLU C 246 -17.65 13.82 32.78
C GLU C 246 -16.63 14.91 32.43
N GLU C 247 -15.45 14.52 31.88
CA GLU C 247 -14.38 15.43 31.42
C GLU C 247 -14.89 16.44 30.39
N ILE C 248 -15.78 16.01 29.48
CA ILE C 248 -16.37 16.88 28.46
C ILE C 248 -17.41 17.82 29.09
N GLU C 249 -18.27 17.29 29.98
CA GLU C 249 -19.31 18.06 30.68
C GLU C 249 -18.70 19.14 31.60
N ASP C 250 -17.58 18.80 32.28
CA ASP C 250 -16.84 19.69 33.17
C ASP C 250 -15.96 20.71 32.39
N GLU C 251 -16.11 20.76 31.04
CA GLU C 251 -15.41 21.61 30.08
C GLU C 251 -13.87 21.46 30.12
N GLU C 252 -13.37 20.39 30.76
CA GLU C 252 -11.94 20.07 30.86
C GLU C 252 -11.40 19.58 29.50
N LYS C 253 -12.32 19.09 28.62
CA LYS C 253 -12.06 18.58 27.27
C LYS C 253 -13.31 18.79 26.36
N THR C 254 -13.18 18.50 25.06
CA THR C 254 -14.27 18.55 24.08
C THR C 254 -14.35 17.19 23.36
N ILE C 255 -15.49 16.90 22.68
CA ILE C 255 -15.63 15.62 21.97
C ILE C 255 -14.60 15.53 20.79
N GLU C 256 -14.25 16.70 20.18
CA GLU C 256 -13.24 16.82 19.11
C GLU C 256 -11.87 16.29 19.55
N ASP C 257 -11.53 16.43 20.85
CA ASP C 257 -10.27 15.94 21.41
C ASP C 257 -10.25 14.41 21.54
N TYR C 258 -11.44 13.75 21.42
CA TYR C 258 -11.52 12.30 21.56
C TYR C 258 -11.88 11.53 20.28
N ILE C 259 -12.23 12.25 19.19
CA ILE C 259 -12.57 11.64 17.90
C ILE C 259 -11.44 10.68 17.47
N ASP C 260 -11.81 9.47 17.03
CA ASP C 260 -10.85 8.47 16.57
C ASP C 260 -9.98 9.09 15.46
N LYS C 261 -8.65 9.04 15.62
CA LYS C 261 -7.68 9.60 14.66
C LYS C 261 -7.48 8.65 13.46
N LYS C 262 -7.99 7.39 13.57
CA LYS C 262 -7.95 6.39 12.52
C LYS C 262 -9.02 6.62 11.45
N MET C 263 -9.56 7.82 11.33
CA MET C 263 -10.47 8.15 10.25
C MET C 263 -10.13 9.54 9.67
N ASN C 264 -10.46 9.74 8.40
CA ASN C 264 -10.17 10.99 7.70
C ASN C 264 -11.44 11.75 7.25
N ASP C 265 -12.65 11.15 7.45
CA ASP C 265 -13.90 11.70 6.97
C ASP C 265 -14.85 12.18 8.06
N ALA C 266 -14.37 12.33 9.28
CA ALA C 266 -15.24 12.81 10.35
C ALA C 266 -15.43 14.33 10.24
N ASP C 267 -16.63 14.81 10.51
CA ASP C 267 -16.91 16.23 10.51
C ASP C 267 -17.52 16.57 11.86
N SER C 268 -17.18 17.74 12.41
CA SER C 268 -17.64 18.23 13.71
C SER C 268 -19.16 18.25 13.88
N THR C 269 -19.91 18.64 12.84
CA THR C 269 -21.37 18.69 12.88
C THR C 269 -22.02 17.33 13.18
N SER C 270 -21.71 16.30 12.37
CA SER C 270 -22.29 14.98 12.58
C SER C 270 -21.73 14.31 13.81
N VAL C 271 -20.44 14.56 14.15
CA VAL C 271 -19.82 14.01 15.36
C VAL C 271 -20.53 14.58 16.62
N GLU C 272 -20.75 15.91 16.66
CA GLU C 272 -21.45 16.56 17.78
C GLU C 272 -22.88 16.04 17.90
N ALA C 273 -23.55 15.81 16.76
CA ALA C 273 -24.91 15.28 16.73
C ALA C 273 -24.96 13.86 17.30
N MET C 274 -23.97 12.99 16.95
CA MET C 274 -23.92 11.64 17.52
C MET C 274 -23.61 11.72 19.02
N TYR C 275 -22.69 12.60 19.43
CA TYR C 275 -22.33 12.77 20.84
C TYR C 275 -23.52 13.25 21.68
N SER C 276 -24.37 14.15 21.12
CA SER C 276 -25.58 14.65 21.78
C SER C 276 -26.56 13.49 22.05
N VAL C 277 -26.69 12.54 21.10
CA VAL C 277 -27.55 11.36 21.25
C VAL C 277 -26.96 10.51 22.39
N ALA C 278 -25.64 10.26 22.35
CA ALA C 278 -24.93 9.48 23.38
C ALA C 278 -25.09 10.08 24.78
N SER C 279 -24.90 11.41 24.94
CA SER C 279 -25.02 12.07 26.25
C SER C 279 -26.45 11.93 26.82
N GLN C 280 -27.49 12.09 25.96
CA GLN C 280 -28.89 11.92 26.31
C GLN C 280 -29.15 10.48 26.77
N CYS C 281 -28.54 9.48 26.06
CA CYS C 281 -28.65 8.06 26.39
C CYS C 281 -28.00 7.78 27.72
N LEU C 282 -26.98 8.56 28.07
CA LEU C 282 -26.18 8.32 29.26
C LEU C 282 -26.62 9.09 30.52
N HIS C 283 -27.84 9.68 30.54
CA HIS C 283 -28.38 10.32 31.75
C HIS C 283 -28.37 9.29 32.87
N GLU C 284 -27.89 9.69 34.05
CA GLU C 284 -27.85 8.87 35.26
C GLU C 284 -29.27 8.43 35.65
N LYS C 285 -30.25 9.35 35.53
CA LYS C 285 -31.66 9.12 35.84
C LYS C 285 -32.35 8.53 34.63
N LYS C 286 -32.72 7.24 34.73
CA LYS C 286 -33.36 6.43 33.69
C LYS C 286 -34.52 7.09 32.97
N ASN C 287 -35.33 7.86 33.69
CA ASN C 287 -36.51 8.53 33.14
C ASN C 287 -36.18 9.75 32.29
N LYS C 288 -34.95 10.29 32.42
CA LYS C 288 -34.47 11.42 31.61
C LYS C 288 -33.96 10.97 30.22
N ARG C 289 -33.60 9.66 30.09
CA ARG C 289 -33.10 9.07 28.85
C ARG C 289 -34.21 9.01 27.79
N PRO C 290 -33.88 9.19 26.49
CA PRO C 290 -34.93 9.06 25.47
C PRO C 290 -35.28 7.60 25.23
N ASP C 291 -36.45 7.35 24.64
CA ASP C 291 -36.87 6.00 24.25
C ASP C 291 -36.11 5.64 22.95
N ILE C 292 -36.09 4.34 22.60
CA ILE C 292 -35.37 3.89 21.41
C ILE C 292 -35.90 4.52 20.11
N LYS C 293 -37.21 4.81 20.00
CA LYS C 293 -37.78 5.46 18.82
C LYS C 293 -37.22 6.88 18.64
N LYS C 294 -36.98 7.59 19.75
CA LYS C 294 -36.38 8.93 19.72
C LYS C 294 -34.88 8.85 19.31
N VAL C 295 -34.14 7.83 19.83
CA VAL C 295 -32.72 7.60 19.49
C VAL C 295 -32.61 7.39 17.99
N GLN C 296 -33.46 6.51 17.46
CA GLN C 296 -33.60 6.15 16.05
C GLN C 296 -33.85 7.40 15.18
N GLN C 297 -34.82 8.25 15.59
CA GLN C 297 -35.15 9.50 14.91
C GLN C 297 -34.01 10.53 14.96
N LEU C 298 -33.26 10.61 16.08
CA LEU C 298 -32.13 11.54 16.19
C LEU C 298 -30.96 11.08 15.31
N LEU C 299 -30.68 9.75 15.24
CA LEU C 299 -29.60 9.21 14.41
C LEU C 299 -29.90 9.38 12.91
N GLN C 300 -31.20 9.37 12.53
CA GLN C 300 -31.64 9.58 11.15
C GLN C 300 -31.47 11.05 10.76
N GLU C 301 -31.79 11.99 11.69
CA GLU C 301 -31.64 13.44 11.48
C GLU C 301 -30.18 13.83 11.30
N MET C 302 -29.26 13.11 11.97
CA MET C 302 -27.80 13.28 11.96
C MET C 302 -27.21 13.25 10.53
N THR C 303 -27.70 12.31 9.69
CA THR C 303 -27.26 12.15 8.30
C THR C 303 -28.16 12.94 7.33
N ALA C 304 -28.38 14.24 7.67
CA ALA C 304 -29.19 15.23 6.93
C ALA C 304 -28.68 15.44 5.50
N ARG D 9 45.93 -0.42 -6.40
CA ARG D 9 45.67 -1.28 -7.55
C ARG D 9 44.40 -2.15 -7.34
N PHE D 10 44.35 -3.30 -8.03
CA PHE D 10 43.29 -4.29 -7.96
C PHE D 10 43.77 -5.55 -7.26
N HIS D 11 42.91 -6.15 -6.44
CA HIS D 11 43.20 -7.39 -5.74
C HIS D 11 43.18 -8.58 -6.70
N SER D 12 44.22 -9.42 -6.67
CA SER D 12 44.26 -10.60 -7.52
C SER D 12 43.66 -11.78 -6.74
N PHE D 13 42.52 -12.28 -7.20
CA PHE D 13 41.83 -13.39 -6.56
C PHE D 13 42.18 -14.68 -7.26
N SER D 14 42.10 -15.78 -6.54
CA SER D 14 42.28 -17.11 -7.15
C SER D 14 40.87 -17.53 -7.55
N PHE D 15 40.75 -18.33 -8.61
CA PHE D 15 39.44 -18.81 -9.06
C PHE D 15 38.65 -19.55 -7.98
N TYR D 16 39.32 -20.33 -7.10
CA TYR D 16 38.66 -21.09 -6.02
C TYR D 16 37.94 -20.19 -5.04
N GLU D 17 38.53 -19.04 -4.70
CA GLU D 17 37.91 -18.09 -3.78
C GLU D 17 36.52 -17.65 -4.30
N LEU D 18 36.44 -17.25 -5.58
CA LEU D 18 35.23 -16.75 -6.23
C LEU D 18 34.15 -17.84 -6.41
N LYS D 19 34.59 -19.10 -6.67
CA LYS D 19 33.67 -20.23 -6.77
C LYS D 19 32.99 -20.46 -5.41
N ASN D 20 33.73 -20.37 -4.29
CA ASN D 20 33.11 -20.56 -2.96
C ASN D 20 32.17 -19.43 -2.53
N VAL D 21 32.54 -18.19 -2.84
CA VAL D 21 31.91 -16.94 -2.45
C VAL D 21 30.60 -16.64 -3.23
N THR D 22 30.38 -17.32 -4.38
CA THR D 22 29.18 -17.13 -5.20
C THR D 22 28.30 -18.37 -5.19
N ASN D 23 28.49 -19.25 -4.16
CA ASN D 23 27.78 -20.52 -3.97
C ASN D 23 27.96 -21.43 -5.18
N ASN D 24 29.25 -21.70 -5.52
CA ASN D 24 29.71 -22.52 -6.66
C ASN D 24 29.11 -22.01 -7.98
N PHE D 25 29.11 -20.67 -8.16
CA PHE D 25 28.52 -19.93 -9.29
C PHE D 25 27.07 -20.38 -9.54
N ASP D 26 26.23 -20.29 -8.49
CA ASP D 26 24.81 -20.65 -8.49
C ASP D 26 24.10 -19.86 -9.60
N GLU D 27 23.70 -20.58 -10.66
CA GLU D 27 23.04 -20.02 -11.83
C GLU D 27 21.58 -19.60 -11.57
N ARG D 28 20.99 -19.99 -10.42
CA ARG D 28 19.61 -19.62 -10.11
C ARG D 28 19.51 -18.12 -9.83
N PRO D 29 18.40 -17.42 -10.20
CA PRO D 29 18.32 -15.98 -9.92
C PRO D 29 18.32 -15.64 -8.43
N ILE D 30 18.83 -14.43 -8.09
CA ILE D 30 18.86 -13.91 -6.70
C ILE D 30 17.44 -13.80 -6.12
N SER D 31 16.43 -13.53 -6.98
CA SER D 31 15.01 -13.40 -6.61
C SER D 31 14.41 -14.71 -6.06
N VAL D 32 15.05 -15.85 -6.37
CA VAL D 32 14.63 -17.19 -5.95
C VAL D 32 15.67 -17.86 -5.01
N GLY D 33 16.61 -17.07 -4.50
CA GLY D 33 17.64 -17.53 -3.57
C GLY D 33 18.95 -18.01 -4.17
N GLY D 34 19.13 -17.79 -5.47
CA GLY D 34 20.38 -18.15 -6.16
C GLY D 34 21.35 -17.00 -6.13
N ASN D 35 22.37 -17.03 -7.00
CA ASN D 35 23.38 -15.95 -7.04
C ASN D 35 23.39 -15.16 -8.33
N LYS D 36 22.71 -15.63 -9.39
CA LYS D 36 22.68 -14.94 -10.68
C LYS D 36 21.92 -13.62 -10.62
N MET D 37 22.57 -12.57 -11.11
CA MET D 37 22.03 -11.21 -11.13
C MET D 37 21.75 -10.73 -12.55
N GLY D 38 22.47 -11.25 -13.53
CA GLY D 38 22.28 -10.88 -14.93
C GLY D 38 23.28 -11.53 -15.85
N GLU D 39 23.15 -11.26 -17.15
CA GLU D 39 24.02 -11.76 -18.24
C GLU D 39 23.99 -10.83 -19.47
N GLY D 40 25.01 -10.86 -20.32
CA GLY D 40 25.02 -9.93 -21.45
C GLY D 40 25.71 -10.24 -22.78
N GLY D 41 26.19 -11.47 -22.96
CA GLY D 41 26.87 -11.87 -24.19
C GLY D 41 28.31 -12.28 -23.98
N PHE D 42 28.99 -11.64 -23.03
CA PHE D 42 30.37 -11.98 -22.69
C PHE D 42 30.51 -12.61 -21.29
N GLY D 43 29.38 -12.84 -20.62
CA GLY D 43 29.40 -13.48 -19.31
C GLY D 43 28.17 -13.30 -18.45
N VAL D 44 28.20 -13.94 -17.28
CA VAL D 44 27.13 -13.95 -16.30
C VAL D 44 27.65 -13.23 -15.03
N VAL D 45 26.79 -12.39 -14.41
CA VAL D 45 27.12 -11.65 -13.18
C VAL D 45 26.47 -12.33 -11.99
N TYR D 46 27.30 -12.69 -11.02
CA TYR D 46 26.88 -13.37 -9.80
C TYR D 46 27.06 -12.50 -8.57
N LYS D 47 26.18 -12.64 -7.61
CA LYS D 47 26.28 -11.98 -6.33
C LYS D 47 27.31 -12.81 -5.51
N GLY D 48 28.17 -12.11 -4.77
CA GLY D 48 29.17 -12.73 -3.91
C GLY D 48 29.29 -12.05 -2.57
N TYR D 49 29.93 -12.73 -1.61
CA TYR D 49 30.23 -12.20 -0.28
C TYR D 49 31.71 -12.43 0.06
N VAL D 50 32.48 -11.35 0.17
CA VAL D 50 33.90 -11.40 0.49
C VAL D 50 34.03 -10.68 1.84
N ASN D 51 34.30 -11.44 2.92
CA ASN D 51 34.44 -10.89 4.28
C ASN D 51 33.33 -9.86 4.61
N ASN D 52 32.08 -10.35 4.67
CA ASN D 52 30.87 -9.57 4.94
C ASN D 52 30.55 -8.46 3.91
N THR D 53 31.37 -8.33 2.83
CA THR D 53 31.15 -7.33 1.78
C THR D 53 30.51 -8.00 0.58
N THR D 54 29.43 -7.39 0.08
CA THR D 54 28.69 -7.82 -1.11
C THR D 54 29.46 -7.34 -2.36
N VAL D 55 29.72 -8.27 -3.28
CA VAL D 55 30.46 -7.99 -4.52
C VAL D 55 29.72 -8.56 -5.72
N ALA D 56 29.98 -8.01 -6.91
CA ALA D 56 29.40 -8.52 -8.15
C ALA D 56 30.56 -9.21 -8.86
N VAL D 57 30.41 -10.48 -9.21
CA VAL D 57 31.45 -11.25 -9.88
C VAL D 57 30.99 -11.59 -11.29
N LYS D 58 31.67 -11.02 -12.30
CA LYS D 58 31.36 -11.31 -13.69
C LYS D 58 32.28 -12.46 -14.14
N LYS D 59 31.71 -13.64 -14.39
CA LYS D 59 32.45 -14.79 -14.91
C LYS D 59 32.35 -14.71 -16.44
N LEU D 60 33.48 -14.45 -17.13
CA LEU D 60 33.48 -14.32 -18.58
C LEU D 60 33.21 -15.65 -19.30
N ALA D 61 32.39 -15.61 -20.37
CA ALA D 61 31.99 -16.80 -21.14
C ALA D 61 31.61 -16.45 -22.58
N ALA D 62 31.78 -17.42 -23.51
CA ALA D 62 31.42 -17.25 -24.93
C ALA D 62 29.94 -17.53 -25.17
N MET D 63 29.11 -16.47 -25.04
CA MET D 63 27.65 -16.49 -25.23
C MET D 63 27.27 -15.72 -26.51
N VAL D 64 28.22 -15.65 -27.46
CA VAL D 64 28.11 -14.99 -28.77
C VAL D 64 29.12 -15.64 -29.75
N ASP D 65 29.47 -14.97 -30.87
CA ASP D 65 30.41 -15.46 -31.88
C ASP D 65 31.89 -15.07 -31.61
N ILE D 66 32.26 -14.86 -30.32
CA ILE D 66 33.63 -14.48 -29.91
C ILE D 66 34.52 -15.70 -29.60
N THR D 67 35.86 -15.55 -29.79
CA THR D 67 36.87 -16.57 -29.53
C THR D 67 37.44 -16.38 -28.11
N THR D 68 38.18 -17.41 -27.59
CA THR D 68 38.82 -17.37 -26.28
C THR D 68 39.84 -16.22 -26.16
N GLU D 69 40.60 -15.97 -27.26
CA GLU D 69 41.59 -14.89 -27.34
C GLU D 69 40.91 -13.51 -27.39
N GLU D 70 39.70 -13.42 -27.99
CA GLU D 70 38.94 -12.16 -28.03
C GLU D 70 38.41 -11.84 -26.63
N LEU D 71 37.96 -12.88 -25.88
CA LEU D 71 37.48 -12.76 -24.50
C LEU D 71 38.60 -12.23 -23.63
N LYS D 72 39.82 -12.80 -23.80
CA LYS D 72 41.05 -12.40 -23.07
C LYS D 72 41.40 -10.94 -23.35
N GLN D 73 41.24 -10.50 -24.60
CA GLN D 73 41.52 -9.12 -25.03
C GLN D 73 40.54 -8.14 -24.37
N GLN D 74 39.26 -8.55 -24.24
CA GLN D 74 38.22 -7.73 -23.58
C GLN D 74 38.46 -7.63 -22.08
N PHE D 75 38.88 -8.75 -21.45
CA PHE D 75 39.24 -8.85 -20.03
C PHE D 75 40.40 -7.89 -19.75
N ASP D 76 41.48 -7.94 -20.57
CA ASP D 76 42.67 -7.07 -20.46
C ASP D 76 42.29 -5.63 -20.69
N GLN D 77 41.41 -5.35 -21.67
CA GLN D 77 40.97 -3.99 -21.98
C GLN D 77 40.22 -3.36 -20.82
N GLU D 78 39.32 -4.12 -20.18
CA GLU D 78 38.55 -3.69 -19.01
C GLU D 78 39.50 -3.27 -17.87
N ILE D 79 40.51 -4.13 -17.55
CA ILE D 79 41.50 -3.87 -16.51
C ILE D 79 42.32 -2.60 -16.84
N LYS D 80 42.76 -2.43 -18.11
CA LYS D 80 43.53 -1.27 -18.55
C LYS D 80 42.74 0.02 -18.41
N VAL D 81 41.46 0.04 -18.86
CA VAL D 81 40.59 1.23 -18.78
C VAL D 81 40.27 1.56 -17.31
N MET D 82 40.03 0.52 -16.48
CA MET D 82 39.72 0.69 -15.06
C MET D 82 40.90 1.23 -14.25
N ALA D 83 42.13 0.84 -14.64
CA ALA D 83 43.35 1.33 -14.00
C ALA D 83 43.56 2.81 -14.33
N LYS D 84 43.15 3.24 -15.54
CA LYS D 84 43.31 4.63 -15.96
C LYS D 84 42.16 5.55 -15.56
N CYS D 85 40.91 5.04 -15.56
CA CYS D 85 39.75 5.89 -15.28
C CYS D 85 39.02 5.57 -13.95
N GLN D 86 39.01 6.56 -13.04
CA GLN D 86 38.29 6.55 -11.77
C GLN D 86 37.48 7.84 -11.73
N HIS D 87 36.17 7.71 -11.55
CA HIS D 87 35.23 8.82 -11.52
C HIS D 87 33.98 8.37 -10.79
N GLU D 88 33.25 9.30 -10.14
CA GLU D 88 32.01 9.01 -9.43
C GLU D 88 30.92 8.41 -10.31
N ASN D 89 30.99 8.65 -11.64
CA ASN D 89 30.01 8.12 -12.57
C ASN D 89 30.52 6.94 -13.40
N LEU D 90 31.53 6.23 -12.90
CA LEU D 90 32.11 5.03 -13.51
C LEU D 90 32.14 3.93 -12.44
N VAL D 91 31.83 2.67 -12.79
CA VAL D 91 31.88 1.57 -11.82
C VAL D 91 33.34 1.42 -11.33
N GLU D 92 33.53 0.82 -10.14
CA GLU D 92 34.85 0.58 -9.59
C GLU D 92 35.17 -0.92 -9.64
N LEU D 93 36.29 -1.26 -10.29
CA LEU D 93 36.81 -2.63 -10.33
C LEU D 93 37.57 -2.90 -9.02
N LEU D 94 37.23 -3.97 -8.29
CA LEU D 94 37.90 -4.29 -7.04
C LEU D 94 39.03 -5.25 -7.27
N GLY D 95 38.83 -6.16 -8.21
CA GLY D 95 39.84 -7.15 -8.51
C GLY D 95 39.44 -8.04 -9.65
N PHE D 96 40.20 -9.12 -9.84
CA PHE D 96 40.01 -10.05 -10.94
C PHE D 96 40.67 -11.39 -10.61
N SER D 97 40.41 -12.39 -11.44
CA SER D 97 40.99 -13.72 -11.38
C SER D 97 41.27 -14.14 -12.81
N SER D 98 42.49 -14.60 -13.09
CA SER D 98 42.87 -15.03 -14.44
C SER D 98 43.47 -16.45 -14.49
N ASP D 99 43.55 -17.13 -13.32
CA ASP D 99 44.09 -18.50 -13.23
C ASP D 99 43.17 -19.48 -13.95
N GLY D 100 43.75 -20.28 -14.84
CA GLY D 100 43.04 -21.28 -15.63
C GLY D 100 42.37 -20.75 -16.88
N ASP D 101 41.38 -21.51 -17.37
CA ASP D 101 40.60 -21.19 -18.58
C ASP D 101 39.47 -20.18 -18.31
N ASP D 102 39.25 -19.87 -17.02
CA ASP D 102 38.21 -18.97 -16.54
C ASP D 102 38.77 -17.59 -16.24
N LEU D 103 37.99 -16.55 -16.58
CA LEU D 103 38.33 -15.15 -16.34
C LEU D 103 37.19 -14.50 -15.56
N CYS D 104 37.51 -13.82 -14.45
CA CYS D 104 36.52 -13.14 -13.61
C CYS D 104 36.92 -11.71 -13.33
N LEU D 105 35.93 -10.84 -13.21
CA LEU D 105 36.12 -9.45 -12.83
C LEU D 105 35.24 -9.22 -11.62
N VAL D 106 35.80 -8.60 -10.58
CA VAL D 106 35.11 -8.39 -9.31
C VAL D 106 34.83 -6.91 -9.11
N TYR D 107 33.58 -6.55 -8.83
CA TYR D 107 33.17 -5.15 -8.64
C TYR D 107 32.40 -4.95 -7.38
N VAL D 108 32.21 -3.68 -7.00
CA VAL D 108 31.35 -3.28 -5.89
C VAL D 108 29.93 -3.63 -6.31
N TYR D 109 29.14 -4.23 -5.40
CA TYR D 109 27.75 -4.59 -5.65
C TYR D 109 26.92 -3.31 -5.82
N MET D 110 26.10 -3.25 -6.85
CA MET D 110 25.25 -2.10 -7.14
C MET D 110 23.84 -2.43 -6.62
N PRO D 111 23.43 -1.80 -5.49
CA PRO D 111 22.12 -2.12 -4.89
C PRO D 111 20.91 -1.91 -5.79
N ASN D 112 21.00 -1.04 -6.80
CA ASN D 112 19.85 -0.85 -7.67
C ASN D 112 20.07 -1.39 -9.09
N GLY D 113 21.04 -2.30 -9.25
CA GLY D 113 21.31 -2.96 -10.52
C GLY D 113 21.43 -2.06 -11.73
N SER D 114 20.80 -2.43 -12.86
CA SER D 114 20.92 -1.61 -14.07
C SER D 114 19.74 -0.69 -14.28
N LEU D 115 19.96 0.39 -15.05
CA LEU D 115 18.93 1.37 -15.43
C LEU D 115 17.88 0.64 -16.28
N LEU D 116 18.30 -0.31 -17.14
CA LEU D 116 17.37 -1.07 -17.98
C LEU D 116 16.32 -1.77 -17.12
N ASP D 117 16.79 -2.54 -16.12
CA ASP D 117 15.96 -3.28 -15.19
C ASP D 117 15.10 -2.36 -14.32
N ARG D 118 15.61 -1.16 -13.93
CA ARG D 118 14.83 -0.25 -13.10
C ARG D 118 13.72 0.45 -13.90
N LEU D 119 13.98 0.74 -15.20
CA LEU D 119 12.95 1.34 -16.07
C LEU D 119 11.85 0.31 -16.35
N SER D 120 12.18 -0.98 -16.34
CA SER D 120 11.15 -2.01 -16.57
C SER D 120 10.56 -2.55 -15.24
N CYS D 121 11.01 -2.01 -14.07
CA CYS D 121 10.55 -2.42 -12.71
C CYS D 121 10.75 -3.91 -12.45
N LEU D 122 11.81 -4.49 -13.03
CA LEU D 122 12.11 -5.90 -12.90
C LEU D 122 12.23 -6.26 -11.42
N ASP D 123 11.62 -7.39 -11.03
CA ASP D 123 11.63 -7.95 -9.68
C ASP D 123 10.80 -7.13 -8.69
N GLY D 124 9.90 -6.31 -9.20
CA GLY D 124 8.97 -5.55 -8.37
C GLY D 124 9.48 -4.26 -7.76
N THR D 125 10.59 -3.72 -8.27
CA THR D 125 11.11 -2.44 -7.76
C THR D 125 10.18 -1.30 -8.17
N PRO D 126 9.99 -0.24 -7.36
CA PRO D 126 9.06 0.83 -7.77
C PRO D 126 9.55 1.66 -8.97
N PRO D 127 8.65 2.28 -9.78
CA PRO D 127 9.13 3.10 -10.91
C PRO D 127 10.02 4.26 -10.50
N LEU D 128 10.93 4.66 -11.38
CA LEU D 128 11.82 5.79 -11.12
C LEU D 128 11.03 7.08 -11.41
N SER D 129 11.11 8.05 -10.51
CA SER D 129 10.42 9.33 -10.69
C SER D 129 11.16 10.12 -11.78
N TRP D 130 10.54 11.17 -12.32
CA TRP D 130 11.19 12.05 -13.30
C TRP D 130 12.42 12.71 -12.73
N HIS D 131 12.37 13.09 -11.44
CA HIS D 131 13.47 13.72 -10.71
C HIS D 131 14.69 12.79 -10.66
N MET D 132 14.49 11.49 -10.37
CA MET D 132 15.59 10.51 -10.33
C MET D 132 16.13 10.31 -11.75
N ARG D 133 15.24 10.29 -12.77
CA ARG D 133 15.62 10.09 -14.18
C ARG D 133 16.52 11.24 -14.68
N CYS D 134 16.25 12.48 -14.25
CA CYS D 134 17.05 13.66 -14.60
C CYS D 134 18.45 13.57 -14.01
N LYS D 135 18.57 13.15 -12.75
CA LYS D 135 19.87 13.01 -12.07
C LYS D 135 20.68 11.90 -12.72
N ILE D 136 20.01 10.79 -13.11
CA ILE D 136 20.65 9.65 -13.77
C ILE D 136 21.20 10.06 -15.14
N ALA D 137 20.41 10.83 -15.90
CA ALA D 137 20.82 11.29 -17.22
C ALA D 137 22.05 12.18 -17.07
N GLN D 138 22.04 13.11 -16.10
CA GLN D 138 23.18 13.99 -15.84
C GLN D 138 24.42 13.19 -15.44
N GLY D 139 24.25 12.23 -14.54
CA GLY D 139 25.35 11.39 -14.08
C GLY D 139 25.97 10.61 -15.20
N ALA D 140 25.15 9.99 -16.06
CA ALA D 140 25.62 9.20 -17.20
C ALA D 140 26.43 10.09 -18.20
N ALA D 141 25.93 11.33 -18.48
CA ALA D 141 26.62 12.28 -19.35
C ALA D 141 27.98 12.70 -18.75
N ASN D 142 28.06 12.86 -17.40
CA ASN D 142 29.31 13.19 -16.71
C ASN D 142 30.31 12.03 -16.82
N GLY D 143 29.82 10.79 -16.77
CA GLY D 143 30.65 9.60 -16.90
C GLY D 143 31.27 9.52 -18.28
N ILE D 144 30.43 9.70 -19.32
CA ILE D 144 30.85 9.70 -20.73
C ILE D 144 31.84 10.86 -20.95
N ASN D 145 31.53 12.06 -20.43
CA ASN D 145 32.42 13.21 -20.55
C ASN D 145 33.82 12.91 -20.01
N PHE D 146 33.90 12.27 -18.83
CA PHE D 146 35.18 11.89 -18.24
C PHE D 146 35.94 10.93 -19.15
N LEU D 147 35.24 9.90 -19.70
CA LEU D 147 35.86 8.90 -20.60
C LEU D 147 36.43 9.56 -21.84
N HIS D 148 35.67 10.50 -22.46
CA HIS D 148 36.07 11.20 -23.67
C HIS D 148 37.24 12.14 -23.42
N GLU D 149 37.26 12.83 -22.25
CA GLU D 149 38.33 13.72 -21.80
C GLU D 149 39.61 12.92 -21.62
N ASN D 150 39.49 11.62 -21.28
CA ASN D 150 40.61 10.72 -21.10
C ASN D 150 40.86 9.89 -22.34
N HIS D 151 40.39 10.39 -23.50
CA HIS D 151 40.56 9.85 -24.87
C HIS D 151 40.15 8.38 -25.02
N HIS D 152 39.01 8.01 -24.42
CA HIS D 152 38.44 6.67 -24.55
C HIS D 152 37.06 6.73 -25.15
N ILE D 153 36.76 5.78 -26.05
CA ILE D 153 35.45 5.60 -26.67
C ILE D 153 34.87 4.34 -26.03
N HIS D 154 33.68 4.44 -25.45
CA HIS D 154 33.06 3.31 -24.75
C HIS D 154 32.67 2.19 -25.72
N ARG D 155 31.91 2.55 -26.80
CA ARG D 155 31.44 1.64 -27.89
C ARG D 155 30.26 0.72 -27.50
N ASP D 156 29.75 0.78 -26.27
CA ASP D 156 28.62 -0.06 -25.87
C ASP D 156 27.70 0.65 -24.87
N ILE D 157 27.47 1.95 -25.09
CA ILE D 157 26.58 2.77 -24.26
C ILE D 157 25.18 2.28 -24.49
N LYS D 158 24.55 1.79 -23.41
CA LYS D 158 23.18 1.31 -23.37
C LYS D 158 22.72 1.29 -21.91
N SER D 159 21.39 1.38 -21.67
CA SER D 159 20.84 1.38 -20.31
C SER D 159 21.22 0.15 -19.50
N ALA D 160 21.46 -1.03 -20.14
CA ALA D 160 21.93 -2.22 -19.41
C ALA D 160 23.33 -2.00 -18.82
N ASN D 161 24.12 -1.06 -19.42
CA ASN D 161 25.48 -0.75 -18.99
C ASN D 161 25.57 0.49 -18.09
N ILE D 162 24.41 1.06 -17.70
CA ILE D 162 24.36 2.17 -16.77
C ILE D 162 23.80 1.57 -15.46
N LEU D 163 24.65 1.45 -14.47
CA LEU D 163 24.30 0.87 -13.19
C LEU D 163 23.94 1.92 -12.19
N LEU D 164 23.13 1.53 -11.20
CA LEU D 164 22.60 2.42 -10.15
C LEU D 164 23.01 2.03 -8.73
N ASP D 165 23.74 2.95 -8.03
CA ASP D 165 24.20 2.66 -6.67
C ASP D 165 23.10 2.89 -5.61
N GLU D 166 23.50 2.77 -4.32
CA GLU D 166 22.63 2.92 -3.16
C GLU D 166 21.91 4.28 -3.09
N ALA D 167 22.33 5.26 -3.91
CA ALA D 167 21.75 6.60 -4.00
C ALA D 167 21.18 6.87 -5.39
N PHE D 168 21.09 5.81 -6.21
CA PHE D 168 20.67 5.86 -7.64
C PHE D 168 21.59 6.75 -8.46
N THR D 169 22.88 6.72 -8.13
CA THR D 169 23.91 7.45 -8.88
C THR D 169 24.20 6.59 -10.11
N ALA D 170 24.26 7.21 -11.28
CA ALA D 170 24.56 6.50 -12.53
C ALA D 170 26.04 6.14 -12.57
N LYS D 171 26.34 4.89 -12.87
CA LYS D 171 27.71 4.43 -13.00
C LYS D 171 27.88 3.61 -14.29
N ILE D 172 28.64 4.16 -15.27
CA ILE D 172 28.92 3.50 -16.55
C ILE D 172 29.74 2.21 -16.29
N SER D 173 29.36 1.11 -16.93
CA SER D 173 30.05 -0.17 -16.78
C SER D 173 30.37 -0.78 -18.16
N ASP D 174 31.08 -1.93 -18.16
CA ASP D 174 31.45 -2.75 -19.31
C ASP D 174 32.35 -1.99 -20.29
N PHE D 175 33.66 -2.03 -20.02
CA PHE D 175 34.69 -1.36 -20.81
C PHE D 175 35.51 -2.31 -21.68
N GLY D 176 35.05 -3.56 -21.84
CA GLY D 176 35.72 -4.59 -22.62
C GLY D 176 35.94 -4.24 -24.07
N LEU D 177 35.05 -3.41 -24.67
CA LEU D 177 35.13 -2.97 -26.07
C LEU D 177 35.63 -1.52 -26.19
N ALA D 178 36.01 -0.89 -25.07
CA ALA D 178 36.50 0.49 -25.10
C ALA D 178 37.79 0.64 -25.92
N ARG D 179 37.92 1.76 -26.66
CA ARG D 179 39.09 2.03 -27.49
C ARG D 179 39.69 3.37 -27.15
N ALA D 180 41.01 3.41 -27.01
CA ALA D 180 41.77 4.64 -26.74
C ALA D 180 42.10 5.35 -28.05
N VAL D 188 38.82 6.29 -37.79
CA VAL D 188 39.35 4.94 -37.61
C VAL D 188 38.23 3.89 -37.93
N MET D 189 38.63 2.76 -38.55
CA MET D 189 37.77 1.67 -38.99
C MET D 189 38.10 0.34 -38.39
N TPO D 190 37.12 -0.57 -38.35
CA TPO D 190 37.27 -1.93 -37.84
CB TPO D 190 36.87 -2.14 -36.33
CG2 TPO D 190 35.34 -1.95 -36.04
OG1 TPO D 190 37.18 -3.50 -35.89
P TPO D 190 38.61 -3.80 -35.28
O1P TPO D 190 38.40 -4.71 -34.06
O2P TPO D 190 39.46 -2.56 -34.95
O3P TPO D 190 39.37 -4.67 -36.28
C TPO D 190 36.59 -2.94 -38.75
O TPO D 190 35.64 -2.58 -39.46
N SEP D 191 37.06 -4.19 -38.73
CA SEP D 191 36.50 -5.29 -39.52
CB SEP D 191 37.63 -6.10 -40.17
OG SEP D 191 38.34 -6.86 -39.15
C SEP D 191 35.55 -6.14 -38.68
O SEP D 191 34.74 -6.89 -39.25
P SEP D 191 39.82 -7.18 -39.51
O1P SEP D 191 40.63 -5.87 -39.73
O2P SEP D 191 39.87 -8.11 -40.76
O3P SEP D 191 40.44 -7.92 -38.29
N ARG D 192 35.65 -6.04 -37.34
CA ARG D 192 34.80 -6.76 -36.38
C ARG D 192 33.81 -5.77 -35.74
N ILE D 193 32.59 -5.70 -36.30
CA ILE D 193 31.52 -4.81 -35.82
C ILE D 193 30.91 -5.40 -34.54
N VAL D 194 31.08 -4.67 -33.43
CA VAL D 194 30.57 -5.03 -32.11
C VAL D 194 29.71 -3.94 -31.51
N GLY D 195 28.75 -4.34 -30.68
CA GLY D 195 27.81 -3.45 -30.00
C GLY D 195 26.38 -3.97 -30.05
N THR D 196 25.44 -3.15 -29.56
CA THR D 196 24.02 -3.49 -29.53
C THR D 196 23.31 -2.68 -30.62
N THR D 197 22.81 -3.37 -31.69
CA THR D 197 22.21 -2.77 -32.89
C THR D 197 21.21 -1.66 -32.59
N ALA D 198 20.27 -1.91 -31.65
CA ALA D 198 19.23 -0.96 -31.24
C ALA D 198 19.76 0.39 -30.75
N TYR D 199 21.03 0.44 -30.28
CA TYR D 199 21.66 1.66 -29.75
C TYR D 199 22.72 2.25 -30.68
N MET D 200 23.22 1.46 -31.66
CA MET D 200 24.33 1.83 -32.53
C MET D 200 24.02 2.90 -33.54
N ALA D 201 24.94 3.86 -33.67
CA ALA D 201 24.91 4.93 -34.66
C ALA D 201 25.08 4.31 -36.05
N PRO D 202 24.53 4.95 -37.11
CA PRO D 202 24.68 4.36 -38.47
C PRO D 202 26.13 4.09 -38.88
N GLU D 203 27.07 5.01 -38.61
CA GLU D 203 28.49 4.82 -38.94
C GLU D 203 29.15 3.65 -38.20
N ALA D 204 28.72 3.40 -36.93
CA ALA D 204 29.24 2.31 -36.11
C ALA D 204 28.78 0.99 -36.71
N LEU D 205 27.57 0.97 -37.27
CA LEU D 205 27.02 -0.21 -37.94
C LEU D 205 27.80 -0.52 -39.25
N ARG D 206 28.47 0.51 -39.83
CA ARG D 206 29.33 0.41 -41.02
C ARG D 206 30.82 0.17 -40.71
N GLY D 207 31.21 0.15 -39.44
CA GLY D 207 32.59 -0.11 -39.06
C GLY D 207 33.41 1.04 -38.54
N GLU D 208 32.88 2.27 -38.57
CA GLU D 208 33.62 3.43 -38.06
C GLU D 208 33.67 3.38 -36.52
N ILE D 209 34.77 3.89 -35.93
CA ILE D 209 35.01 3.99 -34.49
C ILE D 209 35.29 5.47 -34.24
N THR D 210 34.33 6.14 -33.56
CA THR D 210 34.40 7.58 -33.29
C THR D 210 33.68 7.92 -31.98
N PRO D 211 34.15 8.92 -31.19
CA PRO D 211 33.43 9.29 -29.97
C PRO D 211 32.01 9.83 -30.25
N LYS D 212 31.72 10.21 -31.50
CA LYS D 212 30.40 10.71 -31.90
C LYS D 212 29.36 9.58 -31.85
N SER D 213 29.80 8.32 -31.96
CA SER D 213 28.90 7.16 -31.90
C SER D 213 28.34 7.01 -30.48
N ASP D 214 29.18 7.30 -29.44
CA ASP D 214 28.81 7.26 -28.02
C ASP D 214 27.69 8.29 -27.76
N ILE D 215 27.75 9.46 -28.43
CA ILE D 215 26.72 10.51 -28.34
C ILE D 215 25.38 10.02 -28.89
N TYR D 216 25.41 9.30 -30.02
CA TYR D 216 24.20 8.78 -30.64
C TYR D 216 23.54 7.76 -29.71
N SER D 217 24.35 6.83 -29.16
CA SER D 217 23.90 5.80 -28.24
C SER D 217 23.28 6.43 -26.97
N PHE D 218 23.87 7.55 -26.51
CA PHE D 218 23.35 8.23 -25.32
C PHE D 218 21.98 8.84 -25.61
N GLY D 219 21.78 9.33 -26.83
CA GLY D 219 20.49 9.85 -27.30
C GLY D 219 19.42 8.78 -27.22
N VAL D 220 19.76 7.52 -27.58
CA VAL D 220 18.82 6.40 -27.48
C VAL D 220 18.43 6.18 -26.00
N VAL D 221 19.44 6.18 -25.10
CA VAL D 221 19.27 6.05 -23.64
C VAL D 221 18.30 7.14 -23.12
N LEU D 222 18.48 8.40 -23.58
CA LEU D 222 17.58 9.49 -23.18
C LEU D 222 16.15 9.21 -23.57
N LEU D 223 15.91 8.54 -24.72
CA LEU D 223 14.56 8.17 -25.14
C LEU D 223 13.99 7.06 -24.24
N GLU D 224 14.83 6.11 -23.79
CA GLU D 224 14.40 5.02 -22.90
C GLU D 224 14.03 5.62 -21.54
N ILE D 225 14.75 6.68 -21.12
CA ILE D 225 14.50 7.37 -19.85
C ILE D 225 13.14 8.11 -19.90
N ILE D 226 12.85 8.86 -20.99
CA ILE D 226 11.58 9.59 -21.15
C ILE D 226 10.36 8.66 -21.23
N THR D 227 10.46 7.61 -22.02
CA THR D 227 9.38 6.67 -22.34
C THR D 227 9.26 5.45 -21.45
N GLY D 228 10.35 5.02 -20.82
CA GLY D 228 10.31 3.79 -20.03
C GLY D 228 10.29 2.55 -20.92
N LEU D 229 10.46 2.74 -22.25
CA LEU D 229 10.42 1.65 -23.23
C LEU D 229 11.83 1.17 -23.56
N PRO D 230 12.10 -0.16 -23.66
CA PRO D 230 13.44 -0.62 -24.08
C PRO D 230 13.72 -0.22 -25.54
N ALA D 231 15.00 0.00 -25.90
CA ALA D 231 15.43 0.42 -27.25
C ALA D 231 14.92 -0.49 -28.37
N VAL D 232 14.81 -1.79 -28.07
CA VAL D 232 14.31 -2.81 -28.99
C VAL D 232 13.32 -3.71 -28.28
N ASP D 233 12.20 -4.03 -28.95
CA ASP D 233 11.20 -4.97 -28.48
C ASP D 233 10.59 -5.65 -29.72
N GLU D 234 10.91 -6.94 -29.92
CA GLU D 234 10.45 -7.73 -31.07
C GLU D 234 8.93 -7.81 -31.18
N HIS D 235 8.23 -7.71 -30.04
CA HIS D 235 6.77 -7.78 -29.97
C HIS D 235 6.11 -6.39 -29.78
N ARG D 236 6.71 -5.35 -30.37
CA ARG D 236 6.20 -3.98 -30.28
C ARG D 236 6.18 -3.26 -31.62
N GLU D 237 5.27 -2.30 -31.78
CA GLU D 237 5.17 -1.48 -32.98
C GLU D 237 5.34 -0.02 -32.57
N PRO D 238 6.47 0.64 -32.93
CA PRO D 238 7.62 0.13 -33.70
C PRO D 238 8.56 -0.68 -32.82
N GLN D 239 9.27 -1.65 -33.41
CA GLN D 239 10.22 -2.50 -32.69
C GLN D 239 11.38 -1.69 -32.10
N LEU D 240 11.81 -0.66 -32.86
CA LEU D 240 12.92 0.21 -32.55
C LEU D 240 12.46 1.53 -32.03
N LEU D 241 12.92 1.87 -30.83
CA LEU D 241 12.60 3.12 -30.17
C LEU D 241 12.97 4.37 -30.97
N LEU D 242 14.12 4.37 -31.68
CA LEU D 242 14.53 5.55 -32.44
C LEU D 242 13.56 5.88 -33.58
N ASP D 243 12.65 4.94 -33.96
CA ASP D 243 11.61 5.21 -34.98
C ASP D 243 10.60 6.27 -34.48
N ILE D 244 10.43 6.39 -33.12
CA ILE D 244 9.48 7.36 -32.55
C ILE D 244 9.92 8.78 -32.87
N LYS D 245 11.25 9.00 -33.05
CA LYS D 245 11.82 10.30 -33.40
C LYS D 245 11.30 10.72 -34.78
N GLU D 246 11.14 9.74 -35.70
CA GLU D 246 10.63 9.96 -37.06
C GLU D 246 9.15 10.34 -36.98
N GLU D 247 8.34 9.55 -36.22
CA GLU D 247 6.91 9.79 -35.98
C GLU D 247 6.65 11.19 -35.39
N ILE D 248 7.53 11.63 -34.48
CA ILE D 248 7.42 12.94 -33.82
C ILE D 248 7.82 14.05 -34.80
N GLU D 249 8.93 13.85 -35.54
CA GLU D 249 9.43 14.80 -36.54
C GLU D 249 8.44 15.01 -37.70
N ASP D 250 7.77 13.91 -38.13
CA ASP D 250 6.75 13.93 -39.19
C ASP D 250 5.39 14.48 -38.69
N GLU D 251 5.34 14.99 -37.44
CA GLU D 251 4.17 15.56 -36.75
C GLU D 251 2.99 14.56 -36.60
N GLU D 252 3.24 13.27 -36.84
CA GLU D 252 2.25 12.19 -36.70
C GLU D 252 1.93 11.93 -35.22
N LYS D 253 2.87 12.32 -34.31
CA LYS D 253 2.79 12.19 -32.85
C LYS D 253 3.60 13.31 -32.16
N THR D 254 3.51 13.40 -30.82
CA THR D 254 4.28 14.34 -29.98
C THR D 254 5.04 13.56 -28.89
N ILE D 255 6.06 14.19 -28.26
CA ILE D 255 6.82 13.49 -27.19
C ILE D 255 5.90 13.23 -25.96
N GLU D 256 4.90 14.11 -25.73
CA GLU D 256 3.88 13.96 -24.66
C GLU D 256 3.10 12.66 -24.78
N ASP D 257 2.87 12.17 -26.01
CA ASP D 257 2.18 10.91 -26.27
C ASP D 257 3.03 9.69 -25.90
N TYR D 258 4.35 9.88 -25.68
CA TYR D 258 5.25 8.77 -25.38
C TYR D 258 5.84 8.80 -23.96
N ILE D 259 5.61 9.89 -23.18
CA ILE D 259 6.10 10.01 -21.80
C ILE D 259 5.66 8.79 -20.98
N ASP D 260 6.59 8.18 -20.22
CA ASP D 260 6.30 7.03 -19.38
C ASP D 260 5.15 7.40 -18.42
N LYS D 261 4.07 6.60 -18.42
CA LYS D 261 2.90 6.81 -17.57
C LYS D 261 3.16 6.36 -16.12
N LYS D 262 4.28 5.60 -15.92
CA LYS D 262 4.69 5.13 -14.61
C LYS D 262 5.36 6.23 -13.77
N MET D 263 5.14 7.50 -14.08
CA MET D 263 5.64 8.60 -13.26
C MET D 263 4.57 9.69 -13.11
N ASN D 264 4.62 10.44 -12.01
CA ASN D 264 3.62 11.46 -11.70
C ASN D 264 4.21 12.89 -11.65
N ASP D 265 5.53 13.02 -11.77
CA ASP D 265 6.26 14.29 -11.61
C ASP D 265 6.87 14.84 -12.86
N ALA D 266 6.50 14.31 -14.02
CA ALA D 266 7.05 14.80 -15.28
C ALA D 266 6.32 16.06 -15.70
N ASP D 267 7.07 17.05 -16.16
CA ASP D 267 6.49 18.30 -16.65
C ASP D 267 6.93 18.45 -18.10
N SER D 268 6.04 18.97 -18.96
CA SER D 268 6.25 19.15 -20.39
C SER D 268 7.50 19.95 -20.73
N THR D 269 7.81 21.02 -19.97
CA THR D 269 8.99 21.86 -20.17
C THR D 269 10.31 21.08 -20.08
N SER D 270 10.56 20.40 -18.95
CA SER D 270 11.79 19.63 -18.78
C SER D 270 11.82 18.40 -19.67
N VAL D 271 10.65 17.76 -19.92
CA VAL D 271 10.58 16.60 -20.82
C VAL D 271 10.95 17.02 -22.26
N GLU D 272 10.38 18.14 -22.76
CA GLU D 272 10.71 18.67 -24.09
C GLU D 272 12.18 19.03 -24.20
N ALA D 273 12.78 19.59 -23.11
CA ALA D 273 14.19 19.95 -23.04
C ALA D 273 15.07 18.69 -23.13
N MET D 274 14.70 17.59 -22.43
CA MET D 274 15.46 16.34 -22.52
C MET D 274 15.31 15.74 -23.92
N TYR D 275 14.09 15.80 -24.51
CA TYR D 275 13.83 15.30 -25.86
C TYR D 275 14.66 16.06 -26.91
N SER D 276 14.82 17.39 -26.74
CA SER D 276 15.63 18.25 -27.61
C SER D 276 17.09 17.80 -27.61
N VAL D 277 17.63 17.44 -26.43
CA VAL D 277 19.00 16.94 -26.28
C VAL D 277 19.09 15.61 -27.04
N ALA D 278 18.11 14.69 -26.80
CA ALA D 278 18.07 13.40 -27.46
C ALA D 278 18.00 13.51 -29.00
N SER D 279 17.13 14.40 -29.55
CA SER D 279 17.01 14.57 -31.00
C SER D 279 18.32 15.07 -31.62
N GLN D 280 18.99 16.04 -30.96
CA GLN D 280 20.30 16.57 -31.36
C GLN D 280 21.36 15.44 -31.37
N CYS D 281 21.34 14.57 -30.34
CA CYS D 281 22.24 13.41 -30.22
C CYS D 281 21.99 12.44 -31.34
N LEU D 282 20.74 12.37 -31.82
CA LEU D 282 20.33 11.37 -32.79
C LEU D 282 20.41 11.83 -34.26
N HIS D 283 21.10 12.96 -34.56
CA HIS D 283 21.31 13.38 -35.96
C HIS D 283 21.99 12.22 -36.69
N GLU D 284 21.50 11.90 -37.88
CA GLU D 284 22.03 10.86 -38.75
C GLU D 284 23.47 11.19 -39.16
N LYS D 285 23.75 12.48 -39.43
CA LYS D 285 25.07 12.98 -39.78
C LYS D 285 25.87 13.28 -38.50
N LYS D 286 26.91 12.45 -38.23
CA LYS D 286 27.80 12.50 -37.08
C LYS D 286 28.32 13.87 -36.69
N ASN D 287 28.63 14.70 -37.69
CA ASN D 287 29.18 16.05 -37.49
C ASN D 287 28.13 17.06 -37.01
N LYS D 288 26.84 16.75 -37.18
CA LYS D 288 25.74 17.61 -36.73
C LYS D 288 25.43 17.41 -35.22
N ARG D 289 25.84 16.25 -34.67
CA ARG D 289 25.65 15.89 -33.26
C ARG D 289 26.48 16.77 -32.35
N PRO D 290 25.99 17.11 -31.14
CA PRO D 290 26.83 17.89 -30.22
C PRO D 290 27.90 17.00 -29.59
N ASP D 291 28.95 17.64 -29.06
CA ASP D 291 29.99 16.94 -28.32
C ASP D 291 29.44 16.66 -26.90
N ILE D 292 30.08 15.74 -26.15
CA ILE D 292 29.62 15.37 -24.82
C ILE D 292 29.58 16.56 -23.84
N LYS D 293 30.52 17.54 -23.95
CA LYS D 293 30.50 18.73 -23.09
C LYS D 293 29.25 19.59 -23.31
N LYS D 294 28.76 19.65 -24.56
CA LYS D 294 27.53 20.36 -24.91
C LYS D 294 26.28 19.60 -24.36
N VAL D 295 26.29 18.25 -24.46
CA VAL D 295 25.19 17.40 -23.92
C VAL D 295 25.07 17.65 -22.42
N GLN D 296 26.21 17.61 -21.72
CA GLN D 296 26.39 17.85 -20.29
C GLN D 296 25.83 19.23 -19.91
N GLN D 297 26.15 20.26 -20.70
CA GLN D 297 25.69 21.64 -20.50
C GLN D 297 24.19 21.78 -20.68
N LEU D 298 23.63 21.13 -21.73
CA LEU D 298 22.19 21.16 -22.01
C LEU D 298 21.37 20.44 -20.91
N LEU D 299 21.89 19.30 -20.40
CA LEU D 299 21.21 18.54 -19.34
C LEU D 299 21.21 19.31 -18.02
N GLN D 300 22.24 20.15 -17.78
CA GLN D 300 22.36 21.01 -16.61
C GLN D 300 21.35 22.17 -16.70
N GLU D 301 21.18 22.77 -17.90
CA GLU D 301 20.24 23.87 -18.14
C GLU D 301 18.78 23.41 -17.95
N MET D 302 18.50 22.12 -18.26
CA MET D 302 17.21 21.46 -18.16
C MET D 302 16.62 21.56 -16.73
N THR D 303 17.46 21.37 -15.69
CA THR D 303 17.05 21.42 -14.28
C THR D 303 17.24 22.81 -13.66
C13 EXF E . -2.95 5.97 -6.91
C18 EXF E . -11.48 6.77 -12.34
C17 EXF E . -9.59 5.14 -12.62
C16 EXF E . -10.72 5.60 -11.69
C15 EXF E . -10.74 6.22 -9.18
C19 EXF E . -12.11 5.87 -8.91
C11 EXF E . -5.44 6.56 -6.92
C12 EXF E . -3.97 7.12 -6.84
O1 EXF E . -8.04 7.46 -9.31
C9 EXF E . -8.55 7.21 -8.23
N5 EXF E . -7.85 7.25 -7.05
C10 EXF E . -6.48 7.71 -6.97
F1 EXF E . -5.59 5.86 -8.07
C14 EXF E . -3.70 7.89 -5.51
O EXF E . -3.87 7.98 -7.96
C8 EXF E . -9.96 6.79 -8.08
C7 EXF E . -10.57 7.00 -6.83
N4 EXF E . -11.85 6.69 -6.57
N6 EXF E . -10.13 6.11 -10.43
C6 EXF E . -12.62 6.15 -7.60
N3 EXF E . -13.99 5.96 -7.31
C5 EXF E . -15.04 5.49 -8.10
C EXF E . -16.12 4.67 -7.55
F EXF E . -16.21 4.50 -6.25
N2 EXF E . -14.97 5.79 -9.41
C4 EXF E . -15.95 5.26 -10.25
N EXF E . -17.00 4.44 -9.76
C1 EXF E . -17.10 4.12 -8.37
C3 EXF E . -16.18 5.40 -11.61
C2 EXF E . -17.35 4.69 -11.87
N1 EXF E . -17.86 4.09 -10.76
S SO4 F . -4.00 18.42 -3.25
O1 SO4 F . -3.90 19.23 -4.46
O2 SO4 F . -5.39 18.01 -3.04
O3 SO4 F . -3.16 17.22 -3.39
O4 SO4 F . -3.52 19.20 -2.11
C13 EXF G . -1.55 10.17 2.36
C18 EXF G . 5.27 15.39 8.52
C17 EXF G . 4.18 13.31 9.43
C16 EXF G . 5.03 13.90 8.28
C15 EXF G . 4.91 13.69 5.73
C19 EXF G . 6.30 14.03 5.49
C11 EXF G . 0.53 10.45 3.93
C12 EXF G . -1.00 10.02 3.82
O1 EXF G . 1.98 13.31 5.65
C9 EXF G . 2.64 13.05 4.68
N5 EXF G . 2.15 12.34 3.59
C10 EXF G . 0.76 11.92 3.45
F1 EXF G . 0.86 10.40 5.25
C14 EXF G . -1.14 8.56 4.26
O EXF G . -1.67 10.93 4.65
C8 EXF G . 4.07 13.43 4.57
C7 EXF G . 4.61 13.53 3.29
N4 EXF G . 5.90 13.82 3.04
N6 EXF G . 4.32 13.69 6.99
C6 EXF G . 6.73 14.08 4.12
N3 EXF G . 8.05 14.45 3.76
C5 EXF G . 9.11 14.95 4.54
C EXF G . 10.45 14.62 4.16
F EXF G . 10.64 14.08 2.97
N2 EXF G . 8.81 15.60 5.67
C4 EXF G . 9.84 15.87 6.54
N EXF G . 11.18 15.55 6.22
C1 EXF G . 11.50 14.92 5.00
C3 EXF G . 9.86 16.45 7.81
C2 EXF G . 11.23 16.47 8.19
N1 EXF G . 12.03 15.92 7.23
S SO4 H . -15.25 20.50 10.45
O1 SO4 H . -16.64 20.25 10.06
O2 SO4 H . -15.15 21.72 11.25
O3 SO4 H . -14.72 19.36 11.21
O4 SO4 H . -14.43 20.68 9.25
C13 EXF I . -12.67 -12.09 8.33
C18 EXF I . -17.14 -14.39 17.45
C17 EXF I . -16.40 -12.01 17.21
C16 EXF I . -17.32 -13.10 16.64
C15 EXF I . -17.81 -13.72 14.22
C19 EXF I . -19.21 -14.01 14.44
C11 EXF I . -14.06 -11.67 10.45
C12 EXF I . -12.65 -11.46 9.74
O1 EXF I . -14.96 -13.80 13.32
C9 EXF I . -15.88 -13.72 12.53
N5 EXF I . -15.69 -13.39 11.20
C10 EXF I . -14.39 -13.19 10.60
F1 EXF I . -14.04 -11.18 11.71
C14 EXF I . -12.30 -9.96 9.58
O EXF I . -11.73 -12.09 10.60
C8 EXF I . -17.28 -13.96 12.91
C7 EXF I . -18.13 -14.50 11.93
N4 EXF I . -19.44 -14.81 12.13
N6 EXF I . -16.94 -13.36 15.25
C6 EXF I . -19.96 -14.54 13.38
N3 EXF I . -21.36 -14.79 13.54
C5 EXF I . -22.15 -15.05 14.71
C EXF I . -23.57 -14.86 14.64
F EXF I . -24.13 -14.64 13.48
N2 EXF I . -21.52 -15.30 15.85
C4 EXF I . -22.28 -15.30 17.01
N EXF I . -23.68 -15.10 17.00
C1 EXF I . -24.35 -14.90 15.79
C3 EXF I . -21.93 -15.42 18.35
C2 EXF I . -23.15 -15.28 19.07
N1 EXF I . -24.21 -15.10 18.26
S SO4 J . 2.40 19.88 -17.84
O1 SO4 J . 1.46 19.91 -16.72
O2 SO4 J . 1.69 20.19 -19.09
O3 SO4 J . 3.44 20.90 -17.64
O4 SO4 J . 2.97 18.53 -17.96
C13 EXF K . 18.11 -5.70 -5.44
C18 EXF K . 24.16 -7.47 -13.87
C17 EXF K . 22.18 -6.07 -14.24
C16 EXF K . 23.51 -6.14 -13.47
C15 EXF K . 24.06 -5.74 -10.99
C19 EXF K . 25.42 -5.32 -11.20
C11 EXF K . 19.39 -5.17 -7.64
C12 EXF K . 17.98 -5.55 -6.98
O1 EXF K . 21.60 -7.07 -9.95
C9 EXF K . 22.26 -6.33 -9.25
N5 EXF K . 21.80 -5.86 -8.01
C10 EXF K . 20.51 -6.27 -7.42
F1 EXF K . 19.25 -4.94 -8.98
C14 EXF K . 16.94 -4.47 -7.26
O EXF K . 17.61 -6.77 -7.56
C8 EXF K . 23.60 -5.86 -9.62
C7 EXF K . 24.51 -5.59 -8.59
N4 EXF K . 25.82 -5.22 -8.79
N6 EXF K . 23.22 -6.17 -12.01
C6 EXF K . 26.25 -5.08 -10.09
N3 EXF K . 27.62 -4.73 -10.27
C5 EXF K . 28.39 -4.73 -11.43
C EXF K . 29.38 -3.72 -11.57
F EXF K . 29.62 -2.94 -10.53
N2 EXF K . 28.09 -5.63 -12.42
C4 EXF K . 28.80 -5.49 -13.61
N EXF K . 29.81 -4.47 -13.79
C1 EXF K . 30.10 -3.59 -12.75
C3 EXF K . 28.79 -6.21 -14.82
C2 EXF K . 29.80 -5.61 -15.65
N1 EXF K . 30.41 -4.56 -15.04
#